data_8T9O
#
_entry.id   8T9O
#
_cell.length_a   112.751
_cell.length_b   87.480
_cell.length_c   89.698
_cell.angle_alpha   90.00
_cell.angle_beta   125.12
_cell.angle_gamma   90.00
#
_symmetry.space_group_name_H-M   'C 1 2 1'
#
loop_
_entity.id
_entity.type
_entity.pdbx_description
1 polymer 'Tautomerase beta subunit'
2 polymer 'Tautomerase alpha subunit'
3 water water
#
loop_
_entity_poly.entity_id
_entity_poly.type
_entity_poly.pdbx_seq_one_letter_code
_entity_poly.pdbx_strand_id
1 'polypeptide(L)' SIIQVFFIAGRTDEQKERLIGALTDAAVKTIGIDRSDVRVILKDIPNTEYGIAGKTAKSLGRGTGRSPAGS A,E,F,G,H,L
2 'polypeptide(L)' PNIEMFVVEGLSDQQKEKLIDALTAATVEAIDAPADSIRVWLSEIPAKQFGIAGKSVAAIEAARKNK B,C,D,I,J,K
#
# COMPACT_ATOMS: atom_id res chain seq x y z
N SER A 1 16.15 29.07 11.03
CA SER A 1 15.36 29.78 12.02
C SER A 1 14.67 28.84 13.02
N ILE A 2 14.37 27.61 12.59
CA ILE A 2 13.70 26.64 13.46
C ILE A 2 14.53 25.36 13.50
N ILE A 3 14.95 24.98 14.71
CA ILE A 3 15.75 23.78 14.94
C ILE A 3 14.88 22.80 15.73
N GLN A 4 14.71 21.60 15.19
CA GLN A 4 13.95 20.53 15.83
C GLN A 4 14.89 19.40 16.20
N VAL A 5 14.84 18.98 17.47
CA VAL A 5 15.72 17.93 17.99
C VAL A 5 14.87 16.73 18.38
N PHE A 6 15.19 15.58 17.81
CA PHE A 6 14.58 14.29 18.15
C PHE A 6 15.63 13.49 18.92
N PHE A 7 15.31 13.09 20.15
CA PHE A 7 16.37 12.46 20.93
C PHE A 7 15.73 11.67 22.07
N ILE A 8 16.50 10.72 22.59
CA ILE A 8 15.98 9.80 23.60
C ILE A 8 15.82 10.55 24.92
N ALA A 9 14.79 10.19 25.68
CA ALA A 9 14.49 10.88 26.91
C ALA A 9 15.53 10.56 27.99
N GLY A 10 15.53 11.37 29.05
CA GLY A 10 16.38 11.14 30.20
C GLY A 10 17.41 12.21 30.48
N ARG A 11 17.52 13.23 29.64
CA ARG A 11 18.52 14.27 29.84
C ARG A 11 18.01 15.30 30.85
N THR A 12 18.95 15.82 31.65
CA THR A 12 18.59 16.75 32.71
C THR A 12 17.90 17.98 32.13
N ASP A 13 17.11 18.66 32.97
CA ASP A 13 16.49 19.90 32.54
C ASP A 13 17.54 20.95 32.20
N GLU A 14 18.69 20.91 32.87
CA GLU A 14 19.75 21.87 32.60
C GLU A 14 20.58 21.50 31.39
N GLN A 15 20.68 20.21 31.06
CA GLN A 15 21.22 19.83 29.75
C GLN A 15 20.32 20.34 28.63
N LYS A 16 19.00 20.31 28.84
CA LYS A 16 18.07 20.72 27.79
C LYS A 16 18.19 22.20 27.50
N GLU A 17 18.38 23.03 28.54
CA GLU A 17 18.54 24.45 28.27
C GLU A 17 19.94 24.76 27.74
N ARG A 18 20.94 23.99 28.16
CA ARG A 18 22.27 24.15 27.59
C ARG A 18 22.25 23.90 26.08
N LEU A 19 21.43 22.95 25.64
CA LEU A 19 21.30 22.65 24.21
C LEU A 19 20.60 23.78 23.46
N ILE A 20 19.46 24.23 23.98
CA ILE A 20 18.69 25.28 23.32
C ILE A 20 19.57 26.49 23.02
N GLY A 21 20.35 26.93 24.02
CA GLY A 21 21.24 28.06 23.80
C GLY A 21 22.40 27.73 22.88
N ALA A 22 22.94 26.52 23.01
CA ALA A 22 24.09 26.13 22.19
C ALA A 22 23.73 26.06 20.71
N LEU A 23 22.54 25.57 20.38
CA LEU A 23 22.13 25.47 18.99
C LEU A 23 21.75 26.82 18.40
N THR A 24 21.09 27.67 19.19
CA THR A 24 20.82 29.03 18.75
C THR A 24 22.10 29.76 18.38
N ASP A 25 23.14 29.55 19.19
CA ASP A 25 24.36 30.32 19.03
C ASP A 25 25.19 29.75 17.88
N ALA A 26 24.92 28.49 17.52
CA ALA A 26 25.48 27.91 16.30
C ALA A 26 24.92 28.61 15.06
N ALA A 27 23.60 28.73 14.96
CA ALA A 27 22.99 29.36 13.80
C ALA A 27 23.39 30.83 13.70
N VAL A 28 23.35 31.54 14.84
CA VAL A 28 23.69 32.96 14.85
C VAL A 28 25.17 33.14 14.57
N LYS A 29 25.98 32.16 14.97
CA LYS A 29 27.38 32.25 14.64
C LYS A 29 27.56 32.08 13.13
N THR A 30 27.01 30.99 12.57
CA THR A 30 27.39 30.45 11.28
C THR A 30 26.61 31.09 10.14
N ILE A 31 25.31 31.28 10.30
CA ILE A 31 24.53 31.96 9.26
C ILE A 31 24.51 33.47 9.46
N GLY A 32 24.56 33.93 10.71
CA GLY A 32 24.46 35.35 10.98
C GLY A 32 23.04 35.89 11.09
N ILE A 33 22.07 35.03 11.40
CA ILE A 33 20.71 35.51 11.68
C ILE A 33 20.64 36.01 13.10
N ASP A 34 19.53 36.65 13.43
CA ASP A 34 19.31 37.23 14.75
C ASP A 34 18.70 36.18 15.66
N ARG A 35 19.29 35.99 16.83
CA ARG A 35 18.81 35.00 17.80
C ARG A 35 17.31 35.10 18.01
N SER A 36 16.73 36.25 17.68
CA SER A 36 15.32 36.52 17.95
C SER A 36 14.40 35.58 17.17
N ASP A 37 14.72 35.33 15.90
CA ASP A 37 13.94 34.44 15.06
C ASP A 37 14.35 32.97 15.17
N VAL A 38 15.14 32.61 16.17
CA VAL A 38 15.55 31.22 16.33
C VAL A 38 14.57 30.53 17.27
N ARG A 39 14.05 29.38 16.83
CA ARG A 39 13.19 28.52 17.63
C ARG A 39 13.85 27.16 17.72
N VAL A 40 13.96 26.65 18.95
CA VAL A 40 14.57 25.35 19.21
C VAL A 40 13.51 24.48 19.88
N ILE A 41 13.11 23.41 19.20
CA ILE A 41 12.05 22.53 19.66
C ILE A 41 12.71 21.21 20.03
N LEU A 42 12.60 20.81 21.29
CA LEU A 42 13.19 19.57 21.76
C LEU A 42 12.09 18.52 21.93
N LYS A 43 12.24 17.39 21.24
CA LYS A 43 11.27 16.29 21.28
C LYS A 43 11.90 15.13 22.04
N ASP A 44 11.62 15.01 23.34
CA ASP A 44 11.95 13.79 24.06
C ASP A 44 11.10 12.64 23.54
N ILE A 45 11.74 11.58 23.10
CA ILE A 45 11.08 10.32 22.76
C ILE A 45 11.44 9.29 23.83
N PRO A 46 10.49 8.59 24.41
CA PRO A 46 10.81 7.58 25.43
C PRO A 46 11.55 6.39 24.83
N ASN A 47 12.31 5.70 25.69
CA ASN A 47 13.15 4.61 25.21
C ASN A 47 12.34 3.42 24.71
N THR A 48 11.05 3.34 25.04
CA THR A 48 10.17 2.33 24.47
C THR A 48 9.63 2.72 23.11
N GLU A 49 9.93 3.93 22.62
CA GLU A 49 9.32 4.48 21.42
C GLU A 49 10.38 5.02 20.47
N TYR A 50 11.63 4.61 20.66
CA TYR A 50 12.75 5.00 19.82
C TYR A 50 13.53 3.74 19.48
N GLY A 51 13.74 3.50 18.19
CA GLY A 51 14.26 2.23 17.74
C GLY A 51 15.47 2.37 16.85
N ILE A 52 16.42 1.44 17.02
CA ILE A 52 17.65 1.38 16.23
C ILE A 52 17.87 -0.08 15.85
N ALA A 53 18.05 -0.33 14.56
CA ALA A 53 18.19 -1.69 14.03
C ALA A 53 16.98 -2.56 14.37
N GLY A 54 15.79 -1.96 14.40
CA GLY A 54 14.57 -2.68 14.71
C GLY A 54 14.34 -2.95 16.18
N LYS A 55 15.21 -2.48 17.06
CA LYS A 55 15.13 -2.75 18.49
C LYS A 55 14.83 -1.46 19.24
N THR A 56 13.96 -1.53 20.24
CA THR A 56 13.70 -0.36 21.07
C THR A 56 14.98 0.10 21.75
N ALA A 57 15.07 1.41 22.01
CA ALA A 57 16.21 1.95 22.73
C ALA A 57 16.37 1.25 24.08
N LYS A 58 15.26 0.86 24.70
CA LYS A 58 15.32 0.25 26.03
C LYS A 58 16.08 -1.07 25.99
N SER A 59 15.76 -1.95 25.03
CA SER A 59 16.48 -3.21 24.91
C SER A 59 17.94 -3.00 24.51
N LEU A 60 18.34 -1.79 24.11
CA LEU A 60 19.71 -1.53 23.70
C LEU A 60 20.56 -0.89 24.79
N GLY A 61 20.05 -0.81 26.01
CA GLY A 61 20.77 -0.13 27.09
C GLY A 61 20.51 1.34 27.19
N ARG A 62 19.51 1.83 26.47
CA ARG A 62 19.24 3.27 26.28
C ARG A 62 17.99 3.79 26.92
N PRO B 1 18.63 5.91 7.10
CA PRO B 1 17.30 6.53 7.10
C PRO B 1 16.75 6.81 8.50
N ASN B 2 15.83 7.77 8.58
CA ASN B 2 15.20 8.17 9.83
C ASN B 2 13.70 8.21 9.62
N ILE B 3 12.94 7.63 10.54
CA ILE B 3 11.50 7.51 10.38
C ILE B 3 10.80 8.05 11.62
N GLU B 4 9.85 8.96 11.40
CA GLU B 4 8.94 9.44 12.43
C GLU B 4 7.54 8.97 12.08
N MET B 5 6.90 8.25 12.99
CA MET B 5 5.49 7.90 12.84
C MET B 5 4.67 8.63 13.90
N PHE B 6 3.62 9.29 13.47
CA PHE B 6 2.65 9.91 14.36
C PHE B 6 1.54 8.90 14.62
N VAL B 7 1.37 8.52 15.89
CA VAL B 7 0.40 7.51 16.29
C VAL B 7 -0.51 8.08 17.37
N VAL B 8 -1.76 7.63 17.35
CA VAL B 8 -2.70 7.98 18.40
C VAL B 8 -2.42 7.11 19.63
N GLU B 9 -2.80 7.61 20.79
CA GLU B 9 -2.55 6.93 22.05
C GLU B 9 -3.35 5.63 22.13
N GLY B 10 -2.97 4.79 23.10
CA GLY B 10 -3.60 3.50 23.31
C GLY B 10 -2.77 2.32 22.89
N LEU B 11 -1.58 2.55 22.37
CA LEU B 11 -0.73 1.47 21.89
C LEU B 11 0.16 0.94 23.01
N SER B 12 0.31 -0.39 23.04
CA SER B 12 1.14 -1.06 24.02
C SER B 12 2.61 -0.78 23.78
N ASP B 13 3.40 -0.76 24.87
CA ASP B 13 4.84 -0.76 24.66
C ASP B 13 5.26 -1.95 23.80
N GLN B 14 4.52 -3.05 23.92
CA GLN B 14 4.81 -4.24 23.13
C GLN B 14 4.35 -4.06 21.69
N GLN B 15 3.21 -3.41 21.47
CA GLN B 15 2.80 -3.08 20.11
C GLN B 15 3.72 -2.04 19.49
N LYS B 16 4.23 -1.11 20.30
CA LYS B 16 5.20 -0.13 19.81
C LYS B 16 6.48 -0.81 19.36
N GLU B 17 6.86 -1.91 20.02
CA GLU B 17 8.07 -2.64 19.67
C GLU B 17 7.95 -3.26 18.28
N LYS B 18 6.85 -3.98 18.02
CA LYS B 18 6.70 -4.66 16.74
C LYS B 18 6.50 -3.68 15.60
N LEU B 19 5.98 -2.48 15.88
CA LEU B 19 5.88 -1.45 14.85
C LEU B 19 7.25 -0.96 14.44
N ILE B 20 8.10 -0.60 15.41
CA ILE B 20 9.48 -0.24 15.13
C ILE B 20 10.16 -1.33 14.32
N ASP B 21 9.95 -2.59 14.71
CA ASP B 21 10.51 -3.70 13.96
C ASP B 21 9.94 -3.77 12.55
N ALA B 22 8.64 -3.54 12.41
CA ALA B 22 8.00 -3.63 11.09
C ALA B 22 8.37 -2.45 10.21
N LEU B 23 8.33 -1.23 10.76
CA LEU B 23 8.76 -0.05 10.00
C LEU B 23 10.21 -0.21 9.54
N THR B 24 11.04 -0.85 10.37
CA THR B 24 12.44 -1.04 10.02
C THR B 24 12.60 -2.07 8.91
N ALA B 25 11.92 -3.21 9.03
CA ALA B 25 12.05 -4.27 8.03
C ALA B 25 11.58 -3.78 6.65
N ALA B 26 10.46 -3.07 6.61
CA ALA B 26 9.94 -2.57 5.34
C ALA B 26 10.96 -1.64 4.67
N THR B 27 11.68 -0.84 5.47
CA THR B 27 12.67 0.05 4.89
C THR B 27 13.90 -0.71 4.39
N VAL B 28 14.23 -1.83 5.03
CA VAL B 28 15.36 -2.64 4.56
C VAL B 28 15.06 -3.24 3.19
N GLU B 29 13.92 -3.91 3.06
CA GLU B 29 13.63 -4.60 1.80
C GLU B 29 13.18 -3.65 0.69
N ALA B 30 12.83 -2.41 1.02
CA ALA B 30 12.39 -1.48 0.00
C ALA B 30 13.56 -0.70 -0.61
N ILE B 31 14.38 -0.03 0.21
CA ILE B 31 15.47 0.79 -0.29
C ILE B 31 16.84 0.18 0.03
N ASP B 32 16.86 -1.09 0.42
CA ASP B 32 18.11 -1.81 0.75
C ASP B 32 18.94 -0.98 1.72
N ALA B 33 18.29 -0.50 2.75
CA ALA B 33 19.12 0.10 3.78
C ALA B 33 19.37 -0.93 4.88
N PRO B 34 20.61 -1.10 5.32
CA PRO B 34 20.86 -2.02 6.44
C PRO B 34 20.04 -1.61 7.66
N ALA B 35 19.55 -2.60 8.38
CA ALA B 35 18.62 -2.34 9.47
C ALA B 35 19.27 -1.51 10.57
N ASP B 36 20.56 -1.74 10.85
CA ASP B 36 21.26 -0.95 11.85
C ASP B 36 21.47 0.50 11.44
N SER B 37 21.09 0.86 10.22
CA SER B 37 21.21 2.24 9.75
C SER B 37 19.89 3.00 9.83
N ILE B 38 18.80 2.34 10.23
CA ILE B 38 17.48 2.95 10.29
C ILE B 38 17.17 3.33 11.72
N ARG B 39 16.90 4.61 11.94
CA ARG B 39 16.46 5.12 13.23
C ARG B 39 14.96 5.38 13.17
N VAL B 40 14.23 4.84 14.15
CA VAL B 40 12.77 4.96 14.20
C VAL B 40 12.39 5.58 15.54
N TRP B 41 11.49 6.56 15.49
CA TRP B 41 10.87 7.06 16.72
C TRP B 41 9.38 7.29 16.48
N LEU B 42 8.58 6.85 17.44
CA LEU B 42 7.14 7.09 17.44
C LEU B 42 6.85 8.32 18.27
N SER B 43 6.16 9.28 17.67
CA SER B 43 5.82 10.55 18.32
C SER B 43 4.32 10.50 18.58
N GLU B 44 3.94 10.16 19.82
CA GLU B 44 2.58 9.76 20.15
C GLU B 44 1.70 10.96 20.50
N ILE B 45 0.48 10.95 19.99
CA ILE B 45 -0.43 12.08 20.07
C ILE B 45 -1.68 11.63 20.84
N PRO B 46 -2.13 12.38 21.83
CA PRO B 46 -3.41 12.06 22.47
C PRO B 46 -4.56 12.19 21.48
N ALA B 47 -5.57 11.31 21.64
CA ALA B 47 -6.71 11.29 20.74
C ALA B 47 -7.37 12.66 20.62
N LYS B 48 -7.31 13.46 21.69
CA LYS B 48 -7.92 14.77 21.70
C LYS B 48 -7.10 15.82 20.97
N GLN B 49 -5.89 15.50 20.52
CA GLN B 49 -5.08 16.50 19.85
C GLN B 49 -4.79 16.10 18.42
N PHE B 50 -5.28 14.93 18.01
CA PHE B 50 -5.18 14.43 16.64
C PHE B 50 -6.54 14.61 15.98
N GLY B 51 -6.60 15.47 14.97
CA GLY B 51 -7.85 15.86 14.35
C GLY B 51 -7.97 15.34 12.92
N ILE B 52 -9.17 14.91 12.58
CA ILE B 52 -9.53 14.52 11.22
C ILE B 52 -10.75 15.34 10.81
N ALA B 53 -10.59 16.18 9.79
CA ALA B 53 -11.66 17.01 9.26
C ALA B 53 -12.21 17.98 10.30
N GLY B 54 -11.31 18.57 11.09
CA GLY B 54 -11.66 19.60 12.04
C GLY B 54 -12.08 19.11 13.42
N LYS B 55 -12.16 17.80 13.63
CA LYS B 55 -12.64 17.21 14.88
C LYS B 55 -11.68 16.10 15.29
N SER B 56 -11.45 15.99 16.61
CA SER B 56 -10.44 15.09 17.14
C SER B 56 -10.88 13.63 16.99
N VAL B 57 -9.93 12.72 17.27
CA VAL B 57 -10.22 11.29 17.26
C VAL B 57 -11.22 10.91 18.35
N ALA B 58 -11.42 11.78 19.34
CA ALA B 58 -12.62 11.69 20.18
C ALA B 58 -13.81 12.14 19.36
N ALA B 59 -14.51 11.19 18.74
CA ALA B 59 -15.54 11.46 17.74
C ALA B 59 -14.94 12.16 16.52
N PRO C 1 21.44 11.58 18.69
CA PRO C 1 20.37 12.56 18.52
C PRO C 1 20.08 12.82 17.05
N ASN C 2 19.06 13.64 16.77
CA ASN C 2 18.70 13.96 15.40
C ASN C 2 18.23 15.42 15.34
N ILE C 3 18.78 16.15 14.38
CA ILE C 3 18.47 17.57 14.20
C ILE C 3 17.91 17.78 12.80
N GLU C 4 16.75 18.42 12.72
CA GLU C 4 16.18 18.91 11.47
C GLU C 4 16.12 20.43 11.59
N MET C 5 16.98 21.13 10.85
CA MET C 5 16.95 22.60 10.86
C MET C 5 16.23 23.13 9.64
N PHE C 6 15.21 23.94 9.88
CA PHE C 6 14.46 24.59 8.82
C PHE C 6 15.11 25.93 8.50
N VAL C 7 15.59 26.07 7.26
CA VAL C 7 16.28 27.28 6.83
C VAL C 7 15.64 27.78 5.54
N VAL C 8 15.74 29.09 5.33
CA VAL C 8 15.28 29.71 4.11
C VAL C 8 16.34 29.45 3.04
N GLU C 9 15.97 29.62 1.77
CA GLU C 9 16.78 29.00 0.72
C GLU C 9 18.07 29.74 0.38
N GLY C 10 18.38 30.86 1.01
CA GLY C 10 19.57 31.60 0.63
C GLY C 10 20.88 31.21 1.30
N LEU C 11 21.31 29.95 1.16
CA LEU C 11 22.63 29.49 1.61
C LEU C 11 23.31 28.56 0.62
N SER C 12 24.63 28.72 0.52
CA SER C 12 25.52 27.97 -0.33
C SER C 12 25.86 26.62 0.30
N ASP C 13 26.42 25.73 -0.52
CA ASP C 13 26.77 24.40 -0.05
C ASP C 13 27.92 24.44 0.95
N GLN C 14 28.76 25.48 0.91
CA GLN C 14 29.85 25.62 1.87
C GLN C 14 29.33 26.08 3.22
N GLN C 15 28.44 27.09 3.20
CA GLN C 15 27.77 27.51 4.43
C GLN C 15 27.01 26.34 5.05
N LYS C 16 26.38 25.52 4.22
CA LYS C 16 25.59 24.41 4.72
C LYS C 16 26.47 23.34 5.37
N GLU C 17 27.66 23.10 4.79
CA GLU C 17 28.63 22.22 5.41
C GLU C 17 29.10 22.77 6.75
N LYS C 18 29.42 24.06 6.78
CA LYS C 18 29.87 24.71 8.01
C LYS C 18 28.79 24.71 9.10
N LEU C 19 27.52 24.61 8.71
CA LEU C 19 26.42 24.63 9.67
C LEU C 19 26.16 23.25 10.28
N ILE C 20 26.24 22.20 9.46
CA ILE C 20 26.15 20.84 9.98
C ILE C 20 27.24 20.60 11.01
N ASP C 21 28.45 21.09 10.74
CA ASP C 21 29.54 21.02 11.71
C ASP C 21 29.19 21.77 12.98
N ALA C 22 28.79 23.04 12.84
CA ALA C 22 28.49 23.87 14.01
C ALA C 22 27.41 23.25 14.87
N LEU C 23 26.30 22.82 14.25
CA LEU C 23 25.21 22.20 15.00
C LEU C 23 25.68 20.92 15.68
N THR C 24 26.39 20.06 14.93
CA THR C 24 26.94 18.85 15.53
C THR C 24 27.82 19.16 16.72
N ALA C 25 28.66 20.19 16.60
CA ALA C 25 29.56 20.55 17.70
C ALA C 25 28.79 21.09 18.90
N ALA C 26 27.69 21.81 18.66
CA ALA C 26 26.91 22.34 19.77
C ALA C 26 26.31 21.22 20.62
N THR C 27 25.76 20.19 19.96
CA THR C 27 25.19 19.06 20.68
C THR C 27 26.26 18.29 21.44
N VAL C 28 27.49 18.27 20.93
CA VAL C 28 28.57 17.52 21.55
C VAL C 28 28.98 18.14 22.86
N GLU C 29 28.62 19.39 23.09
CA GLU C 29 29.26 20.05 24.22
C GLU C 29 28.29 20.77 25.16
N ALA C 30 27.08 21.05 24.68
CA ALA C 30 25.94 21.20 25.60
C ALA C 30 25.56 19.89 26.29
N ILE C 31 25.48 18.79 25.54
CA ILE C 31 25.20 17.45 26.06
C ILE C 31 26.48 16.64 25.77
N ASP C 32 26.78 15.64 26.60
CA ASP C 32 28.03 14.96 26.25
C ASP C 32 27.79 13.88 25.19
N ALA C 33 27.13 14.24 24.10
CA ALA C 33 26.77 13.28 23.07
C ALA C 33 27.95 13.08 22.11
N PRO C 34 28.27 11.84 21.75
CA PRO C 34 29.30 11.61 20.73
C PRO C 34 28.86 12.12 19.37
N ALA C 35 29.82 12.67 18.62
CA ALA C 35 29.51 13.27 17.33
C ALA C 35 28.98 12.24 16.35
N ASP C 36 29.63 11.07 16.25
CA ASP C 36 29.22 10.07 15.26
C ASP C 36 27.82 9.55 15.50
N SER C 37 27.15 9.95 16.58
CA SER C 37 25.78 9.57 16.85
C SER C 37 24.79 10.67 16.54
N ILE C 38 25.22 11.74 15.88
CA ILE C 38 24.39 12.92 15.62
C ILE C 38 24.15 13.02 14.12
N ARG C 39 22.89 12.91 13.72
CA ARG C 39 22.46 13.05 12.33
C ARG C 39 21.77 14.40 12.17
N VAL C 40 22.29 15.22 11.25
CA VAL C 40 21.82 16.59 11.04
C VAL C 40 21.32 16.72 9.62
N TRP C 41 20.09 17.16 9.44
CA TRP C 41 19.60 17.45 8.10
C TRP C 41 18.97 18.84 8.02
N LEU C 42 19.21 19.48 6.89
CA LEU C 42 18.71 20.82 6.59
C LEU C 42 17.51 20.69 5.66
N SER C 43 16.37 21.21 6.10
CA SER C 43 15.15 21.22 5.30
C SER C 43 14.98 22.63 4.75
N GLU C 44 15.42 22.82 3.51
CA GLU C 44 15.48 24.14 2.89
C GLU C 44 14.10 24.52 2.37
N ILE C 45 13.60 25.67 2.80
CA ILE C 45 12.24 26.11 2.49
C ILE C 45 12.33 27.32 1.57
N PRO C 46 11.64 27.31 0.42
CA PRO C 46 11.58 28.51 -0.41
C PRO C 46 10.98 29.68 0.36
N ALA C 47 11.51 30.88 0.10
CA ALA C 47 11.06 32.07 0.82
C ALA C 47 9.58 32.34 0.63
N LYS C 48 8.94 31.79 -0.40
CA LYS C 48 7.52 32.03 -0.57
C LYS C 48 6.70 31.09 0.31
N GLN C 49 7.34 30.09 0.92
CA GLN C 49 6.67 29.10 1.74
C GLN C 49 7.07 29.18 3.21
N PHE C 50 7.83 30.20 3.61
CA PHE C 50 8.27 30.38 4.98
C PHE C 50 7.54 31.59 5.55
N GLY C 51 6.62 31.35 6.48
CA GLY C 51 5.74 32.40 6.99
C GLY C 51 6.17 32.89 8.35
N ILE C 52 6.20 34.21 8.51
CA ILE C 52 6.48 34.86 9.78
C ILE C 52 5.44 35.95 9.96
N ALA C 53 4.44 35.70 10.81
CA ALA C 53 3.37 36.66 11.16
C ALA C 53 2.44 36.93 9.98
N GLY C 54 1.94 35.86 9.36
CA GLY C 54 1.06 35.97 8.23
C GLY C 54 1.72 36.40 6.95
N LYS C 55 3.00 36.77 6.98
CA LYS C 55 3.70 37.32 5.83
C LYS C 55 4.82 36.39 5.41
N SER C 56 4.91 36.13 4.10
CA SER C 56 6.02 35.35 3.58
C SER C 56 7.32 36.14 3.74
N VAL C 57 8.43 35.41 3.88
CA VAL C 57 9.74 36.04 3.80
C VAL C 57 9.87 36.78 2.48
N ALA C 58 9.32 36.19 1.42
CA ALA C 58 9.34 36.81 0.09
C ALA C 58 8.61 38.14 0.06
N ALA C 59 7.76 38.42 1.04
CA ALA C 59 7.07 39.71 1.10
C ALA C 59 7.71 40.60 2.16
N PRO D 1 -2.75 17.11 2.37
CA PRO D 1 -2.73 18.30 3.26
C PRO D 1 -2.76 17.90 4.72
N ASN D 2 -1.59 17.67 5.29
CA ASN D 2 -1.43 17.35 6.70
C ASN D 2 -0.76 18.52 7.39
N ILE D 3 -1.18 18.84 8.61
CA ILE D 3 -0.64 19.96 9.36
C ILE D 3 -0.20 19.48 10.73
N GLU D 4 0.94 19.98 11.19
CA GLU D 4 1.48 19.72 12.52
C GLU D 4 1.75 21.06 13.18
N MET D 5 1.15 21.30 14.33
CA MET D 5 1.39 22.52 15.10
C MET D 5 2.16 22.19 16.37
N PHE D 6 3.28 22.89 16.56
CA PHE D 6 4.11 22.75 17.74
C PHE D 6 3.66 23.78 18.76
N VAL D 7 3.11 23.34 19.88
CA VAL D 7 2.55 24.29 20.84
C VAL D 7 3.16 24.00 22.21
N VAL D 8 3.52 25.08 22.90
CA VAL D 8 4.00 24.98 24.27
C VAL D 8 2.89 24.53 25.19
N GLU D 9 3.25 23.77 26.22
CA GLU D 9 2.28 23.08 27.06
C GLU D 9 1.47 24.05 27.91
N GLY D 10 0.18 23.75 28.08
CA GLY D 10 -0.66 24.51 28.97
C GLY D 10 -2.01 24.92 28.41
N LEU D 11 -2.39 24.37 27.27
CA LEU D 11 -3.64 24.77 26.64
C LEU D 11 -4.79 23.92 27.13
N SER D 12 -5.99 24.49 27.04
CA SER D 12 -7.15 23.75 27.50
C SER D 12 -7.58 22.69 26.49
N ASP D 13 -8.37 21.72 26.97
CA ASP D 13 -8.78 20.56 26.17
C ASP D 13 -9.79 20.97 25.10
N GLN D 14 -10.52 22.07 25.41
CA GLN D 14 -11.62 22.74 24.76
C GLN D 14 -11.10 23.63 23.63
N GLN D 15 -9.93 24.23 23.88
CA GLN D 15 -9.26 25.20 23.03
C GLN D 15 -8.22 24.55 22.14
N LYS D 16 -7.81 23.33 22.50
CA LYS D 16 -7.02 22.52 21.59
C LYS D 16 -7.90 21.98 20.48
N GLU D 17 -9.00 21.33 20.86
CA GLU D 17 -9.89 20.76 19.86
C GLU D 17 -10.48 21.89 19.04
N LYS D 18 -10.62 23.06 19.66
CA LYS D 18 -11.03 24.28 18.96
C LYS D 18 -10.00 24.71 17.94
N LEU D 19 -8.72 24.64 18.29
CA LEU D 19 -7.67 24.99 17.33
C LEU D 19 -7.75 24.13 16.07
N ILE D 20 -8.12 22.85 16.21
CA ILE D 20 -8.07 21.94 15.07
C ILE D 20 -9.04 22.36 13.97
N ASP D 21 -10.30 22.65 14.33
CA ASP D 21 -11.25 23.06 13.30
C ASP D 21 -10.84 24.36 12.63
N ALA D 22 -10.32 25.31 13.43
CA ALA D 22 -9.87 26.59 12.88
C ALA D 22 -8.80 26.37 11.80
N LEU D 23 -7.74 25.67 12.14
CA LEU D 23 -6.65 25.42 11.19
C LEU D 23 -7.15 24.64 9.98
N THR D 24 -8.10 23.72 10.19
CA THR D 24 -8.63 22.95 9.07
C THR D 24 -9.45 23.83 8.14
N ALA D 25 -10.35 24.65 8.68
CA ALA D 25 -11.13 25.51 7.81
C ALA D 25 -10.24 26.50 7.06
N ALA D 26 -9.09 26.87 7.63
CA ALA D 26 -8.22 27.85 6.97
C ALA D 26 -7.64 27.29 5.68
N THR D 27 -7.22 26.03 5.69
CA THR D 27 -6.76 25.37 4.47
C THR D 27 -7.88 25.12 3.46
N VAL D 28 -9.01 24.56 3.90
CA VAL D 28 -10.18 24.44 3.02
C VAL D 28 -10.41 25.75 2.30
N GLU D 29 -10.24 26.82 3.00
CA GLU D 29 -10.66 28.11 2.54
C GLU D 29 -9.69 28.71 1.55
N ALA D 30 -8.41 28.46 1.79
CA ALA D 30 -7.35 29.14 1.06
C ALA D 30 -7.00 28.33 -0.17
N ILE D 31 -6.88 27.02 0.00
CA ILE D 31 -6.37 26.17 -1.06
C ILE D 31 -7.42 25.22 -1.61
N ASP D 32 -8.70 25.44 -1.29
CA ASP D 32 -9.80 24.67 -1.89
C ASP D 32 -9.61 23.16 -1.69
N ALA D 33 -9.43 22.78 -0.44
CA ALA D 33 -9.19 21.37 -0.21
C ALA D 33 -10.35 20.74 0.55
N PRO D 34 -10.73 19.51 0.23
CA PRO D 34 -11.85 18.88 0.93
C PRO D 34 -11.51 18.63 2.39
N ALA D 35 -12.54 18.73 3.24
CA ALA D 35 -12.35 18.59 4.68
C ALA D 35 -11.79 17.22 5.03
N ASP D 36 -12.35 16.17 4.43
CA ASP D 36 -11.97 14.79 4.76
C ASP D 36 -10.52 14.47 4.36
N SER D 37 -9.83 15.44 3.77
CA SER D 37 -8.45 15.25 3.37
C SER D 37 -7.44 15.91 4.30
N ILE D 38 -7.87 16.85 5.14
CA ILE D 38 -6.96 17.55 6.04
C ILE D 38 -6.97 16.89 7.41
N ARG D 39 -5.79 16.49 7.86
CA ARG D 39 -5.55 15.98 9.19
C ARG D 39 -4.67 16.97 9.93
N VAL D 40 -5.05 17.27 11.16
CA VAL D 40 -4.37 18.24 12.00
C VAL D 40 -4.09 17.58 13.33
N TRP D 41 -2.83 17.52 13.73
CA TRP D 41 -2.43 16.96 15.00
C TRP D 41 -1.52 17.93 15.72
N LEU D 42 -1.82 18.19 16.99
CA LEU D 42 -1.08 19.17 17.77
C LEU D 42 0.03 18.47 18.56
N SER D 43 1.24 19.00 18.47
CA SER D 43 2.39 18.47 19.18
C SER D 43 2.68 19.35 20.38
N GLU D 44 2.62 18.75 21.57
CA GLU D 44 2.53 19.46 22.85
C GLU D 44 3.90 19.38 23.51
N ILE D 45 4.66 20.47 23.42
CA ILE D 45 6.07 20.51 23.81
C ILE D 45 6.18 21.21 25.15
N PRO D 46 6.85 20.63 26.14
CA PRO D 46 6.94 21.25 27.46
C PRO D 46 7.72 22.56 27.43
N ALA D 47 7.40 23.44 28.38
CA ALA D 47 8.02 24.76 28.43
C ALA D 47 9.53 24.71 28.56
N LYS D 48 10.08 23.61 29.10
CA LYS D 48 11.52 23.45 29.19
C LYS D 48 12.07 22.81 27.91
N GLN D 49 11.24 22.64 26.89
CA GLN D 49 11.69 22.05 25.64
C GLN D 49 11.39 22.96 24.46
N PHE D 50 10.92 24.18 24.71
CA PHE D 50 10.60 25.16 23.69
C PHE D 50 11.52 26.36 23.89
N GLY D 51 12.37 26.64 22.92
CA GLY D 51 13.40 27.66 23.02
C GLY D 51 13.09 28.88 22.18
N ILE D 52 13.34 30.06 22.74
CA ILE D 52 13.15 31.35 22.06
C ILE D 52 14.40 32.17 22.31
N ALA D 53 15.18 32.45 21.25
CA ALA D 53 16.41 33.24 21.35
C ALA D 53 17.36 32.65 22.39
N GLY D 54 17.56 31.33 22.30
CA GLY D 54 18.46 30.62 23.19
C GLY D 54 17.95 30.40 24.59
N LYS D 55 16.76 30.89 24.92
CA LYS D 55 16.19 30.80 26.26
C LYS D 55 14.96 29.91 26.25
N SER D 56 14.72 29.24 27.38
CA SER D 56 13.53 28.41 27.51
C SER D 56 12.33 29.26 27.90
N VAL D 57 11.14 28.75 27.57
CA VAL D 57 9.90 29.41 28.00
C VAL D 57 9.87 29.51 29.52
N ALA D 58 10.40 28.49 30.21
CA ALA D 58 10.46 28.52 31.67
C ALA D 58 11.19 29.75 32.17
N ALA D 59 12.24 30.17 31.47
CA ALA D 59 13.01 31.34 31.89
C ALA D 59 12.43 32.62 31.31
N SER E 1 -0.69 7.43 12.29
CA SER E 1 -1.19 7.23 10.94
C SER E 1 -0.28 7.85 9.88
N ILE E 2 0.45 8.90 10.24
CA ILE E 2 1.32 9.59 9.29
C ILE E 2 2.75 9.16 9.56
N ILE E 3 3.42 8.66 8.51
CA ILE E 3 4.81 8.21 8.56
C ILE E 3 5.64 9.20 7.77
N GLN E 4 6.76 9.65 8.35
CA GLN E 4 7.64 10.61 7.70
C GLN E 4 9.05 10.05 7.69
N VAL E 5 9.66 10.01 6.51
CA VAL E 5 10.99 9.44 6.31
C VAL E 5 11.95 10.55 5.91
N PHE E 6 13.09 10.64 6.60
CA PHE E 6 14.17 11.58 6.31
C PHE E 6 15.36 10.78 5.80
N PHE E 7 15.67 10.89 4.51
CA PHE E 7 16.62 9.95 3.95
C PHE E 7 17.41 10.63 2.83
N ILE E 8 18.68 10.21 2.67
CA ILE E 8 19.54 10.86 1.70
C ILE E 8 18.99 10.65 0.30
N ALA E 9 19.10 11.68 -0.53
CA ALA E 9 18.64 11.59 -1.90
C ALA E 9 19.42 10.51 -2.66
N GLY E 10 18.94 10.19 -3.86
CA GLY E 10 19.59 9.23 -4.72
C GLY E 10 18.73 8.03 -5.11
N ARG E 11 17.62 7.77 -4.41
CA ARG E 11 16.84 6.59 -4.73
C ARG E 11 15.91 6.86 -5.91
N THR E 12 15.59 5.78 -6.62
CA THR E 12 14.65 5.84 -7.73
C THR E 12 13.23 6.14 -7.22
N ASP E 13 12.42 6.76 -8.07
CA ASP E 13 11.01 6.97 -7.74
C ASP E 13 10.25 5.65 -7.68
N GLU E 14 10.67 4.67 -8.47
CA GLU E 14 10.14 3.31 -8.35
C GLU E 14 10.39 2.74 -6.96
N GLN E 15 11.55 3.07 -6.37
CA GLN E 15 11.86 2.59 -5.03
C GLN E 15 11.00 3.30 -3.99
N LYS E 16 10.82 4.61 -4.14
CA LYS E 16 9.95 5.35 -3.22
C LYS E 16 8.52 4.83 -3.28
N GLU E 17 8.13 4.22 -4.41
CA GLU E 17 6.82 3.60 -4.52
C GLU E 17 6.74 2.36 -3.64
N ARG E 18 7.72 1.46 -3.72
CA ARG E 18 7.81 0.35 -2.79
C ARG E 18 7.84 0.82 -1.34
N LEU E 19 8.66 1.83 -1.06
CA LEU E 19 8.77 2.32 0.32
C LEU E 19 7.41 2.72 0.86
N ILE E 20 6.68 3.56 0.12
CA ILE E 20 5.36 4.01 0.56
C ILE E 20 4.46 2.81 0.82
N GLY E 21 4.44 1.85 -0.11
CA GLY E 21 3.63 0.66 0.07
C GLY E 21 4.08 -0.17 1.26
N ALA E 22 5.37 -0.52 1.30
CA ALA E 22 5.87 -1.41 2.35
C ALA E 22 5.66 -0.82 3.74
N LEU E 23 5.85 0.50 3.88
CA LEU E 23 5.66 1.14 5.18
C LEU E 23 4.20 1.08 5.62
N THR E 24 3.29 1.50 4.73
CA THR E 24 1.86 1.37 5.01
C THR E 24 1.47 -0.08 5.27
N ASP E 25 1.94 -1.00 4.42
CA ASP E 25 1.66 -2.42 4.64
C ASP E 25 2.09 -2.85 6.04
N ALA E 26 3.25 -2.37 6.50
CA ALA E 26 3.74 -2.76 7.81
C ALA E 26 2.89 -2.18 8.93
N ALA E 27 2.37 -0.97 8.75
CA ALA E 27 1.63 -0.29 9.81
C ALA E 27 0.20 -0.79 9.94
N VAL E 28 -0.34 -1.46 8.93
CA VAL E 28 -1.66 -2.08 9.03
C VAL E 28 -1.57 -3.52 9.49
N LYS E 29 -0.43 -4.16 9.27
CA LYS E 29 -0.18 -5.54 9.70
C LYS E 29 -0.01 -5.62 11.21
N THR E 30 0.49 -4.55 11.82
CA THR E 30 0.98 -4.56 13.19
C THR E 30 -0.02 -3.97 14.19
N ILE E 31 -0.57 -2.79 13.90
CA ILE E 31 -1.43 -2.09 14.85
C ILE E 31 -2.85 -1.92 14.31
N GLY E 32 -3.20 -2.67 13.27
CA GLY E 32 -4.59 -2.80 12.86
C GLY E 32 -5.24 -1.53 12.39
N ILE E 33 -4.47 -0.55 11.89
CA ILE E 33 -5.07 0.63 11.33
C ILE E 33 -5.48 0.36 9.90
N ASP E 34 -6.52 1.04 9.48
CA ASP E 34 -7.00 1.14 8.12
C ASP E 34 -5.91 1.66 7.20
N ARG E 35 -5.84 1.09 5.98
CA ARG E 35 -4.92 1.62 4.98
C ARG E 35 -5.24 3.07 4.66
N SER E 36 -6.52 3.39 4.56
CA SER E 36 -6.94 4.68 4.03
C SER E 36 -6.68 5.84 4.97
N ASP E 37 -6.32 5.57 6.23
CA ASP E 37 -5.93 6.65 7.14
C ASP E 37 -4.41 6.87 7.20
N VAL E 38 -3.62 6.11 6.45
CA VAL E 38 -2.17 6.20 6.54
C VAL E 38 -1.64 7.09 5.42
N ARG E 39 -0.87 8.11 5.79
CA ARG E 39 -0.16 8.94 4.85
C ARG E 39 1.34 8.77 5.06
N VAL E 40 2.10 8.70 3.97
CA VAL E 40 3.54 8.58 4.02
C VAL E 40 4.16 9.82 3.38
N ILE E 41 4.89 10.60 4.16
CA ILE E 41 5.58 11.79 3.68
C ILE E 41 7.04 11.40 3.46
N LEU E 42 7.52 11.51 2.22
CA LEU E 42 8.90 11.16 1.89
C LEU E 42 9.67 12.44 1.63
N LYS E 43 10.75 12.64 2.39
CA LYS E 43 11.50 13.89 2.37
C LYS E 43 12.95 13.60 2.05
N ASP E 44 13.33 13.63 0.78
CA ASP E 44 14.72 13.47 0.38
C ASP E 44 15.56 14.66 0.82
N ILE E 45 16.80 14.38 1.24
CA ILE E 45 17.75 15.40 1.66
C ILE E 45 19.03 15.21 0.86
N PRO E 46 19.49 16.21 0.10
CA PRO E 46 20.71 16.05 -0.68
C PRO E 46 21.95 15.82 0.18
N ASN E 47 22.94 15.16 -0.42
CA ASN E 47 24.26 14.96 0.17
C ASN E 47 24.75 16.18 0.91
N THR E 48 24.58 17.35 0.30
CA THR E 48 25.15 18.59 0.80
C THR E 48 24.45 19.06 2.06
N GLU E 49 23.26 18.54 2.31
CA GLU E 49 22.35 18.96 3.35
C GLU E 49 22.16 17.96 4.48
N TYR E 50 22.75 16.80 4.38
CA TYR E 50 22.66 15.74 5.36
C TYR E 50 24.03 15.48 5.98
N GLY E 51 24.07 15.28 7.29
CA GLY E 51 25.33 15.21 8.00
C GLY E 51 25.40 14.08 9.00
N ILE E 52 26.58 13.50 9.13
CA ILE E 52 26.89 12.47 10.13
C ILE E 52 28.30 12.74 10.63
N ALA E 53 28.46 12.75 11.96
CA ALA E 53 29.75 13.04 12.61
C ALA E 53 30.27 14.43 12.27
N GLY E 54 29.37 15.36 11.94
CA GLY E 54 29.77 16.69 11.54
C GLY E 54 30.28 16.80 10.12
N LYS E 55 30.37 15.69 9.41
CA LYS E 55 30.75 15.67 8.00
C LYS E 55 29.50 15.52 7.15
N THR E 56 29.53 16.08 5.94
CA THR E 56 28.38 15.91 5.06
C THR E 56 28.35 14.50 4.49
N ALA E 57 27.15 14.07 4.10
CA ALA E 57 26.99 12.75 3.49
C ALA E 57 27.81 12.62 2.21
N LYS E 58 27.96 13.72 1.46
CA LYS E 58 28.78 13.68 0.26
C LYS E 58 30.23 13.33 0.60
N SER E 59 30.75 13.90 1.69
CA SER E 59 32.12 13.61 2.08
C SER E 59 32.28 12.23 2.71
N LEU E 60 31.19 11.59 3.11
CA LEU E 60 31.25 10.21 3.56
C LEU E 60 31.03 9.22 2.42
N GLY E 61 30.67 9.70 1.24
CA GLY E 61 30.53 8.83 0.08
C GLY E 61 29.20 8.13 -0.02
N ARG E 62 28.10 8.83 0.26
CA ARG E 62 26.80 8.19 0.42
C ARG E 62 25.83 8.44 -0.74
N GLY E 63 25.77 9.66 -1.28
CA GLY E 63 24.85 9.92 -2.37
C GLY E 63 25.53 10.03 -3.72
N SER F 1 5.01 29.23 18.71
CA SER F 1 3.94 28.61 17.92
C SER F 1 4.34 28.48 16.45
N ILE F 2 4.76 27.27 16.07
CA ILE F 2 5.27 26.97 14.74
C ILE F 2 4.32 25.99 14.06
N ILE F 3 3.96 26.27 12.81
CA ILE F 3 3.07 25.45 12.02
C ILE F 3 3.83 24.94 10.81
N GLN F 4 3.65 23.65 10.48
CA GLN F 4 4.28 23.02 9.33
C GLN F 4 3.22 22.26 8.57
N VAL F 5 3.02 22.59 7.29
CA VAL F 5 1.99 21.93 6.49
C VAL F 5 2.70 21.06 5.46
N PHE F 6 2.36 19.78 5.43
CA PHE F 6 2.85 18.86 4.43
C PHE F 6 1.78 18.77 3.34
N PHE F 7 2.12 19.15 2.11
CA PHE F 7 1.06 19.18 1.11
C PHE F 7 1.62 18.87 -0.28
N ILE F 8 0.77 18.26 -1.11
CA ILE F 8 1.16 17.80 -2.43
C ILE F 8 1.58 19.00 -3.27
N ALA F 9 2.58 18.78 -4.13
CA ALA F 9 3.14 19.87 -4.91
C ALA F 9 2.16 20.31 -6.00
N GLY F 10 2.23 21.60 -6.33
CA GLY F 10 1.43 22.13 -7.42
C GLY F 10 0.65 23.38 -7.09
N ARG F 11 0.44 23.65 -5.79
CA ARG F 11 -0.33 24.82 -5.38
C ARG F 11 0.33 26.12 -5.84
N THR F 12 -0.52 27.08 -6.20
CA THR F 12 -0.04 28.36 -6.73
C THR F 12 0.63 29.17 -5.62
N ASP F 13 1.46 30.14 -6.05
CA ASP F 13 2.17 30.97 -5.10
C ASP F 13 1.22 31.90 -4.34
N GLU F 14 0.11 32.30 -4.97
CA GLU F 14 -0.88 33.09 -4.25
C GLU F 14 -1.64 32.23 -3.25
N GLN F 15 -1.96 30.99 -3.62
CA GLN F 15 -2.56 30.05 -2.67
C GLN F 15 -1.64 29.81 -1.48
N LYS F 16 -0.33 29.70 -1.74
CA LYS F 16 0.64 29.53 -0.67
C LYS F 16 0.64 30.74 0.26
N GLU F 17 0.82 31.93 -0.32
CA GLU F 17 0.69 33.18 0.43
C GLU F 17 -0.63 33.23 1.18
N ARG F 18 -1.72 32.81 0.52
CA ARG F 18 -3.03 32.80 1.16
C ARG F 18 -3.08 31.85 2.34
N LEU F 19 -2.26 30.80 2.33
CA LEU F 19 -2.33 29.79 3.38
C LEU F 19 -1.62 30.22 4.66
N ILE F 20 -0.53 30.98 4.54
CA ILE F 20 0.32 31.31 5.68
C ILE F 20 -0.44 32.17 6.69
N GLY F 21 -0.92 33.34 6.24
CA GLY F 21 -1.66 34.21 7.14
C GLY F 21 -3.02 33.67 7.51
N ALA F 22 -3.62 32.84 6.66
CA ALA F 22 -4.85 32.16 7.04
C ALA F 22 -4.64 31.30 8.28
N LEU F 23 -3.57 30.50 8.28
CA LEU F 23 -3.23 29.71 9.46
C LEU F 23 -2.79 30.60 10.60
N THR F 24 -2.07 31.69 10.30
CA THR F 24 -1.59 32.58 11.34
C THR F 24 -2.75 33.18 12.13
N ASP F 25 -3.72 33.78 11.42
CA ASP F 25 -4.86 34.41 12.08
C ASP F 25 -5.64 33.40 12.91
N ALA F 26 -5.92 32.23 12.33
CA ALA F 26 -6.70 31.21 13.03
C ALA F 26 -6.07 30.85 14.37
N ALA F 27 -4.74 30.83 14.42
CA ALA F 27 -4.05 30.57 15.68
C ALA F 27 -4.14 31.75 16.62
N VAL F 28 -4.01 32.98 16.11
CA VAL F 28 -4.10 34.17 16.95
C VAL F 28 -5.47 34.26 17.59
N LYS F 29 -6.52 33.96 16.82
CA LYS F 29 -7.88 33.91 17.34
C LYS F 29 -8.00 33.01 18.55
N THR F 30 -7.93 31.70 18.31
CA THR F 30 -8.33 30.67 19.24
C THR F 30 -7.35 30.45 20.38
N ILE F 31 -6.07 30.74 20.19
CA ILE F 31 -5.09 30.55 21.27
C ILE F 31 -4.57 31.87 21.83
N GLY F 32 -4.86 32.99 21.18
CA GLY F 32 -4.39 34.27 21.68
C GLY F 32 -2.90 34.46 21.55
N ILE F 33 -2.30 33.89 20.53
CA ILE F 33 -0.86 33.95 20.30
C ILE F 33 -0.58 35.03 19.27
N ASP F 34 0.17 36.05 19.70
CA ASP F 34 0.58 37.16 18.85
C ASP F 34 1.16 36.71 17.52
N ARG F 35 0.70 37.37 16.44
CA ARG F 35 1.25 37.14 15.09
C ARG F 35 2.76 37.11 15.11
N SER F 36 3.36 37.91 16.00
CA SER F 36 4.81 38.00 16.15
C SER F 36 5.49 36.64 16.18
N ASP F 37 4.80 35.61 16.68
CA ASP F 37 5.47 34.33 16.96
C ASP F 37 4.86 33.14 16.22
N VAL F 38 3.98 33.37 15.25
CA VAL F 38 3.38 32.28 14.48
C VAL F 38 4.19 32.10 13.20
N ARG F 39 5.02 31.08 13.17
CA ARG F 39 5.79 30.73 11.98
C ARG F 39 5.08 29.61 11.24
N VAL F 40 5.02 29.72 9.92
CA VAL F 40 4.26 28.80 9.08
C VAL F 40 5.20 28.26 8.00
N ILE F 41 5.59 26.99 8.13
CA ILE F 41 6.45 26.32 7.18
C ILE F 41 5.59 25.51 6.22
N LEU F 42 5.77 25.73 4.92
CA LEU F 42 5.03 25.02 3.89
C LEU F 42 5.98 24.10 3.14
N LYS F 43 5.70 22.79 3.15
CA LYS F 43 6.54 21.86 2.42
C LYS F 43 5.76 21.19 1.30
N ASP F 44 6.16 21.46 0.06
CA ASP F 44 5.70 20.70 -1.09
C ASP F 44 6.34 19.32 -1.08
N ILE F 45 5.54 18.32 -1.41
CA ILE F 45 6.04 16.96 -1.60
C ILE F 45 5.68 16.53 -3.02
N PRO F 46 6.66 16.12 -3.83
CA PRO F 46 6.35 15.64 -5.19
C PRO F 46 5.32 14.51 -5.14
N ASN F 47 4.54 14.38 -6.22
CA ASN F 47 3.54 13.31 -6.27
C ASN F 47 4.15 11.94 -6.04
N THR F 48 5.41 11.74 -6.43
CA THR F 48 6.08 10.46 -6.31
C THR F 48 6.66 10.23 -4.92
N GLU F 49 6.37 11.11 -3.96
CA GLU F 49 6.92 11.01 -2.62
C GLU F 49 5.85 11.25 -1.55
N TYR F 50 4.57 11.19 -1.95
CA TYR F 50 3.42 11.37 -1.07
C TYR F 50 2.54 10.13 -1.17
N GLY F 51 2.13 9.60 -0.02
CA GLY F 51 1.42 8.34 -0.02
C GLY F 51 0.02 8.35 0.57
N ILE F 52 -0.95 7.85 -0.19
CA ILE F 52 -2.31 7.62 0.29
C ILE F 52 -2.59 6.13 0.18
N ALA F 53 -2.88 5.50 1.31
CA ALA F 53 -3.16 4.05 1.36
C ALA F 53 -2.06 3.25 0.65
N GLY F 54 -0.82 3.66 0.85
CA GLY F 54 0.30 2.94 0.27
C GLY F 54 0.48 3.12 -1.22
N LYS F 55 -0.23 4.07 -1.81
CA LYS F 55 -0.09 4.38 -3.22
C LYS F 55 0.44 5.79 -3.37
N THR F 56 1.15 6.03 -4.47
CA THR F 56 1.73 7.34 -4.68
C THR F 56 0.69 8.31 -5.22
N ALA F 57 0.87 9.59 -4.87
CA ALA F 57 -0.05 10.63 -5.32
C ALA F 57 -0.05 10.76 -6.85
N LYS F 58 0.98 10.28 -7.52
CA LYS F 58 0.97 10.26 -8.98
C LYS F 58 -0.07 9.29 -9.50
N SER F 59 0.03 8.02 -9.10
CA SER F 59 -0.83 6.98 -9.62
C SER F 59 -2.27 7.10 -9.14
N LEU F 60 -2.52 7.84 -8.05
CA LEU F 60 -3.90 8.06 -7.58
C LEU F 60 -4.42 9.38 -8.16
N GLY F 61 -3.83 10.49 -7.76
CA GLY F 61 -4.23 11.79 -8.25
C GLY F 61 -3.61 12.94 -7.48
N SER G 1 -12.44 -3.20 -15.29
CA SER G 1 -12.34 -3.62 -16.68
C SER G 1 -12.69 -5.11 -16.86
N ILE G 2 -12.14 -5.96 -16.01
CA ILE G 2 -12.40 -7.40 -16.06
C ILE G 2 -13.26 -7.77 -14.86
N ILE G 3 -14.36 -8.47 -15.12
CA ILE G 3 -15.30 -8.92 -14.09
C ILE G 3 -15.37 -10.44 -14.22
N GLN G 4 -14.76 -11.16 -13.29
CA GLN G 4 -14.85 -12.62 -13.25
C GLN G 4 -15.91 -13.02 -12.24
N VAL G 5 -16.81 -13.91 -12.64
CA VAL G 5 -17.92 -14.33 -11.81
C VAL G 5 -17.85 -15.83 -11.59
N PHE G 6 -17.78 -16.24 -10.33
CA PHE G 6 -17.87 -17.64 -9.93
C PHE G 6 -19.27 -17.89 -9.39
N PHE G 7 -19.93 -18.94 -9.86
CA PHE G 7 -21.28 -19.25 -9.43
C PHE G 7 -21.61 -20.70 -9.77
N ILE G 8 -22.49 -21.29 -8.97
CA ILE G 8 -22.80 -22.71 -9.14
C ILE G 8 -23.49 -22.91 -10.47
N ALA G 9 -23.13 -23.99 -11.16
CA ALA G 9 -23.71 -24.30 -12.45
C ALA G 9 -25.22 -24.47 -12.35
N GLY G 10 -25.89 -24.32 -13.49
CA GLY G 10 -27.32 -24.55 -13.57
C GLY G 10 -28.15 -23.32 -13.91
N ARG G 11 -27.60 -22.11 -13.85
CA ARG G 11 -28.35 -20.95 -14.27
C ARG G 11 -28.62 -21.02 -15.77
N THR G 12 -29.75 -20.44 -16.19
CA THR G 12 -30.12 -20.49 -17.61
C THR G 12 -29.35 -19.42 -18.37
N ASP G 13 -29.17 -19.66 -19.68
CA ASP G 13 -28.41 -18.76 -20.54
C ASP G 13 -29.05 -17.38 -20.66
N GLU G 14 -30.36 -17.30 -20.52
CA GLU G 14 -31.01 -16.01 -20.32
C GLU G 14 -30.34 -15.20 -19.21
N GLN G 15 -30.42 -15.70 -17.98
CA GLN G 15 -29.91 -14.94 -16.82
C GLN G 15 -28.46 -14.57 -17.02
N LYS G 16 -27.69 -15.48 -17.63
CA LYS G 16 -26.29 -15.22 -17.89
C LYS G 16 -26.11 -13.97 -18.75
N GLU G 17 -26.89 -13.87 -19.83
CA GLU G 17 -26.83 -12.69 -20.70
C GLU G 17 -27.22 -11.43 -19.94
N ARG G 18 -28.22 -11.53 -19.05
CA ARG G 18 -28.58 -10.39 -18.22
C ARG G 18 -27.47 -10.03 -17.25
N LEU G 19 -26.79 -11.04 -16.69
CA LEU G 19 -25.67 -10.80 -15.79
C LEU G 19 -24.53 -10.07 -16.49
N ILE G 20 -24.21 -10.49 -17.71
CA ILE G 20 -23.15 -9.83 -18.48
C ILE G 20 -23.50 -8.37 -18.72
N GLY G 21 -24.76 -8.09 -19.08
CA GLY G 21 -25.20 -6.73 -19.28
C GLY G 21 -25.21 -5.93 -17.99
N ALA G 22 -25.91 -6.43 -16.97
CA ALA G 22 -26.08 -5.68 -15.74
C ALA G 22 -24.75 -5.41 -15.02
N LEU G 23 -23.78 -6.32 -15.16
CA LEU G 23 -22.48 -6.10 -14.53
C LEU G 23 -21.64 -5.11 -15.33
N THR G 24 -21.62 -5.23 -16.66
CA THR G 24 -21.01 -4.22 -17.51
C THR G 24 -21.53 -2.84 -17.17
N ASP G 25 -22.79 -2.79 -16.74
CA ASP G 25 -23.49 -1.53 -16.59
C ASP G 25 -23.45 -1.00 -15.14
N ALA G 26 -23.40 -1.90 -14.16
CA ALA G 26 -22.90 -1.49 -12.86
C ALA G 26 -21.54 -0.83 -13.00
N ALA G 27 -20.67 -1.41 -13.84
CA ALA G 27 -19.31 -0.90 -13.98
C ALA G 27 -19.28 0.48 -14.63
N VAL G 28 -19.90 0.61 -15.80
CA VAL G 28 -19.81 1.87 -16.55
C VAL G 28 -20.45 3.00 -15.75
N LYS G 29 -21.65 2.78 -15.25
CA LYS G 29 -22.39 3.83 -14.57
C LYS G 29 -21.77 4.24 -13.24
N THR G 30 -20.89 3.44 -12.65
CA THR G 30 -20.43 3.75 -11.30
C THR G 30 -19.06 4.41 -11.28
N ILE G 31 -18.15 4.00 -12.16
CA ILE G 31 -16.76 4.40 -12.10
C ILE G 31 -16.26 5.09 -13.37
N GLY G 32 -17.02 5.08 -14.45
CA GLY G 32 -16.69 5.86 -15.63
C GLY G 32 -16.00 5.12 -16.75
N ILE G 33 -15.87 3.80 -16.64
CA ILE G 33 -15.24 3.02 -17.71
C ILE G 33 -16.16 3.00 -18.92
N ASP G 34 -15.56 3.00 -20.11
CA ASP G 34 -16.33 2.83 -21.33
C ASP G 34 -16.83 1.39 -21.43
N ARG G 35 -18.08 1.25 -21.88
CA ARG G 35 -18.64 -0.09 -22.13
C ARG G 35 -17.72 -0.93 -22.98
N SER G 36 -17.07 -0.30 -23.97
CA SER G 36 -16.25 -1.00 -24.95
C SER G 36 -15.06 -1.71 -24.31
N ASP G 37 -14.74 -1.39 -23.06
CA ASP G 37 -13.50 -1.82 -22.44
C ASP G 37 -13.77 -2.70 -21.22
N VAL G 38 -15.03 -3.03 -20.96
CA VAL G 38 -15.42 -3.96 -19.92
C VAL G 38 -15.54 -5.35 -20.51
N ARG G 39 -14.84 -6.31 -19.91
CA ARG G 39 -15.08 -7.72 -20.20
C ARG G 39 -15.64 -8.43 -18.97
N VAL G 40 -16.68 -9.23 -19.19
CA VAL G 40 -17.33 -10.00 -18.14
C VAL G 40 -17.09 -11.48 -18.42
N ILE G 41 -16.44 -12.16 -17.47
CA ILE G 41 -16.22 -13.60 -17.54
C ILE G 41 -17.15 -14.26 -16.54
N LEU G 42 -17.87 -15.30 -16.99
CA LEU G 42 -18.77 -16.08 -16.14
C LEU G 42 -18.27 -17.52 -16.09
N LYS G 43 -17.71 -17.90 -14.94
CA LYS G 43 -17.17 -19.24 -14.73
C LYS G 43 -18.17 -20.08 -13.95
N ASP G 44 -18.91 -20.93 -14.67
CA ASP G 44 -19.74 -21.92 -13.99
C ASP G 44 -18.89 -22.95 -13.28
N ILE G 45 -19.27 -23.27 -12.05
CA ILE G 45 -18.60 -24.27 -11.24
C ILE G 45 -19.62 -25.35 -10.89
N PRO G 46 -19.40 -26.60 -11.29
CA PRO G 46 -20.36 -27.67 -10.95
C PRO G 46 -20.56 -27.79 -9.45
N ASN G 47 -21.75 -28.28 -9.07
CA ASN G 47 -22.11 -28.34 -7.66
C ASN G 47 -21.23 -29.29 -6.85
N THR G 48 -20.57 -30.25 -7.51
CA THR G 48 -19.61 -31.12 -6.84
C THR G 48 -18.23 -30.49 -6.69
N GLU G 49 -18.03 -29.27 -7.18
CA GLU G 49 -16.73 -28.62 -7.13
C GLU G 49 -16.79 -27.25 -6.46
N TYR G 50 -17.92 -26.95 -5.80
CA TYR G 50 -18.19 -25.65 -5.18
C TYR G 50 -18.50 -25.89 -3.73
N GLY G 51 -17.83 -25.15 -2.84
CA GLY G 51 -17.90 -25.38 -1.41
C GLY G 51 -18.54 -24.22 -0.67
N ILE G 52 -19.54 -24.55 0.15
CA ILE G 52 -20.09 -23.64 1.15
C ILE G 52 -19.85 -24.29 2.50
N ALA G 53 -18.97 -23.68 3.30
CA ALA G 53 -18.79 -24.03 4.71
C ALA G 53 -18.32 -25.46 4.89
N GLY G 54 -17.38 -25.90 4.04
CA GLY G 54 -16.89 -27.26 4.09
C GLY G 54 -17.82 -28.29 3.51
N LYS G 55 -19.01 -27.90 3.07
CA LYS G 55 -19.95 -28.76 2.38
C LYS G 55 -20.01 -28.37 0.91
N THR G 56 -20.24 -29.36 0.04
CA THR G 56 -20.41 -29.06 -1.37
C THR G 56 -21.75 -28.39 -1.62
N ALA G 57 -21.87 -27.72 -2.76
CA ALA G 57 -23.15 -27.13 -3.15
C ALA G 57 -24.14 -28.23 -3.52
N LYS G 58 -23.66 -29.38 -4.00
CA LYS G 58 -24.54 -30.51 -4.23
C LYS G 58 -25.16 -31.00 -2.93
N SER G 59 -24.37 -31.05 -1.85
CA SER G 59 -24.88 -31.49 -0.57
C SER G 59 -25.94 -30.53 -0.03
N LEU G 60 -25.82 -29.25 -0.35
CA LEU G 60 -26.77 -28.24 0.12
C LEU G 60 -27.97 -28.10 -0.82
N GLY G 61 -28.08 -28.95 -1.83
CA GLY G 61 -29.19 -28.95 -2.75
C GLY G 61 -29.16 -27.89 -3.82
N ARG G 62 -28.00 -27.26 -4.04
CA ARG G 62 -27.89 -26.13 -4.94
C ARG G 62 -27.28 -26.56 -6.27
N GLY G 63 -27.86 -26.05 -7.36
CA GLY G 63 -27.25 -26.14 -8.67
C GLY G 63 -27.38 -27.51 -9.32
N THR G 64 -26.54 -27.70 -10.34
CA THR G 64 -26.43 -28.95 -11.07
C THR G 64 -24.97 -29.39 -11.08
N GLY G 65 -24.76 -30.64 -11.48
CA GLY G 65 -23.42 -31.20 -11.56
C GLY G 65 -22.62 -30.65 -12.73
N SER H 1 -12.20 -14.86 2.40
CA SER H 1 -12.21 -16.26 2.78
C SER H 1 -12.55 -17.17 1.60
N ILE H 2 -12.00 -16.85 0.43
CA ILE H 2 -12.30 -17.58 -0.79
C ILE H 2 -11.03 -18.32 -1.24
N ILE H 3 -11.14 -19.64 -1.37
CA ILE H 3 -10.02 -20.50 -1.72
C ILE H 3 -10.28 -21.08 -3.11
N GLN H 4 -9.35 -20.85 -4.03
CA GLN H 4 -9.43 -21.33 -5.40
C GLN H 4 -8.21 -22.20 -5.65
N VAL H 5 -8.45 -23.46 -6.00
CA VAL H 5 -7.40 -24.40 -6.39
C VAL H 5 -7.51 -24.64 -7.88
N PHE H 6 -6.38 -24.64 -8.58
CA PHE H 6 -6.47 -25.02 -9.97
C PHE H 6 -5.67 -26.31 -10.02
N PHE H 7 -6.32 -27.39 -10.45
CA PHE H 7 -5.65 -28.68 -10.47
C PHE H 7 -6.05 -29.41 -11.75
N ILE H 8 -5.35 -30.50 -12.02
CA ILE H 8 -5.53 -31.26 -13.25
C ILE H 8 -6.71 -32.23 -13.07
N ALA H 9 -7.41 -32.49 -14.16
CA ALA H 9 -8.59 -33.33 -14.12
C ALA H 9 -8.24 -34.77 -13.75
N GLY H 10 -9.21 -35.45 -13.14
CA GLY H 10 -9.04 -36.85 -12.83
C GLY H 10 -9.45 -37.30 -11.45
N ARG H 11 -9.56 -36.37 -10.50
CA ARG H 11 -9.92 -36.74 -9.14
C ARG H 11 -11.41 -37.03 -9.04
N THR H 12 -11.74 -38.09 -8.29
CA THR H 12 -13.11 -38.51 -8.07
C THR H 12 -13.89 -37.41 -7.37
N ASP H 13 -15.20 -37.60 -7.18
CA ASP H 13 -15.81 -36.38 -6.64
C ASP H 13 -15.76 -36.45 -5.13
N GLU H 14 -15.38 -37.61 -4.58
CA GLU H 14 -15.20 -37.83 -3.16
C GLU H 14 -13.87 -37.31 -2.67
N GLN H 15 -12.84 -37.36 -3.52
CA GLN H 15 -11.60 -36.64 -3.24
C GLN H 15 -11.85 -35.14 -3.26
N LYS H 16 -12.65 -34.68 -4.23
CA LYS H 16 -13.00 -33.26 -4.30
C LYS H 16 -13.77 -32.83 -3.07
N GLU H 17 -14.62 -33.72 -2.54
CA GLU H 17 -15.38 -33.40 -1.33
C GLU H 17 -14.46 -33.24 -0.12
N ARG H 18 -13.64 -34.26 0.15
CA ARG H 18 -12.62 -34.17 1.21
C ARG H 18 -11.80 -32.90 1.10
N LEU H 19 -11.45 -32.51 -0.12
CA LEU H 19 -10.60 -31.33 -0.33
C LEU H 19 -11.29 -30.07 0.15
N ILE H 20 -12.58 -29.92 -0.19
CA ILE H 20 -13.34 -28.75 0.22
C ILE H 20 -13.39 -28.62 1.73
N GLY H 21 -13.66 -29.74 2.42
CA GLY H 21 -13.68 -29.70 3.88
C GLY H 21 -12.30 -29.44 4.47
N ALA H 22 -11.29 -30.12 3.95
CA ALA H 22 -9.94 -30.00 4.50
C ALA H 22 -9.40 -28.58 4.35
N LEU H 23 -9.65 -27.95 3.20
CA LEU H 23 -9.22 -26.57 3.01
C LEU H 23 -9.96 -25.63 3.95
N THR H 24 -11.25 -25.88 4.18
CA THR H 24 -12.01 -25.04 5.10
C THR H 24 -11.52 -25.22 6.54
N ASP H 25 -11.32 -26.47 6.95
CA ASP H 25 -10.78 -26.74 8.28
C ASP H 25 -9.44 -26.04 8.46
N ALA H 26 -8.60 -26.07 7.42
CA ALA H 26 -7.29 -25.43 7.50
C ALA H 26 -7.40 -23.93 7.73
N ALA H 27 -8.36 -23.28 7.08
CA ALA H 27 -8.54 -21.84 7.25
C ALA H 27 -9.07 -21.53 8.64
N VAL H 28 -10.10 -22.27 9.09
CA VAL H 28 -10.66 -22.07 10.41
C VAL H 28 -9.58 -22.19 11.48
N LYS H 29 -8.75 -23.23 11.38
CA LYS H 29 -7.75 -23.48 12.41
C LYS H 29 -6.71 -22.39 12.47
N THR H 30 -6.23 -21.91 11.32
CA THR H 30 -5.09 -21.01 11.30
C THR H 30 -5.47 -19.55 11.50
N ILE H 31 -6.52 -19.06 10.87
CA ILE H 31 -6.83 -17.64 10.95
C ILE H 31 -8.20 -17.38 11.57
N GLY H 32 -8.78 -18.39 12.23
CA GLY H 32 -9.99 -18.21 13.02
C GLY H 32 -11.16 -17.56 12.31
N ILE H 33 -11.51 -18.08 11.14
CA ILE H 33 -12.65 -17.58 10.38
C ILE H 33 -13.85 -18.49 10.65
N ASP H 34 -15.04 -17.93 10.49
CA ASP H 34 -16.25 -18.72 10.63
C ASP H 34 -16.31 -19.72 9.48
N ARG H 35 -16.55 -20.99 9.80
CA ARG H 35 -16.59 -22.02 8.78
C ARG H 35 -17.60 -21.69 7.70
N SER H 36 -18.67 -20.99 8.06
CA SER H 36 -19.72 -20.62 7.11
C SER H 36 -19.29 -19.53 6.14
N ASP H 37 -18.19 -18.82 6.42
CA ASP H 37 -17.78 -17.69 5.59
C ASP H 37 -16.72 -18.08 4.55
N VAL H 38 -16.41 -19.37 4.43
CA VAL H 38 -15.37 -19.85 3.53
C VAL H 38 -16.01 -20.42 2.28
N ARG H 39 -15.55 -19.96 1.11
CA ARG H 39 -15.94 -20.51 -0.18
C ARG H 39 -14.73 -21.13 -0.85
N VAL H 40 -14.93 -22.26 -1.53
CA VAL H 40 -13.87 -23.00 -2.21
C VAL H 40 -14.30 -23.24 -3.65
N ILE H 41 -13.54 -22.68 -4.61
CA ILE H 41 -13.76 -22.96 -6.03
C ILE H 41 -12.74 -24.02 -6.45
N LEU H 42 -13.21 -25.08 -7.11
CA LEU H 42 -12.31 -26.08 -7.70
C LEU H 42 -12.36 -25.92 -9.21
N LYS H 43 -11.27 -25.46 -9.80
CA LYS H 43 -11.15 -25.35 -11.27
C LYS H 43 -10.41 -26.57 -11.79
N ASP H 44 -11.18 -27.41 -12.49
CA ASP H 44 -10.80 -28.77 -12.76
C ASP H 44 -10.33 -28.77 -14.24
N ILE H 45 -9.02 -28.51 -14.42
CA ILE H 45 -8.41 -28.19 -15.70
C ILE H 45 -8.17 -29.50 -16.47
N PRO H 46 -8.75 -29.68 -17.64
CA PRO H 46 -8.58 -30.92 -18.38
C PRO H 46 -7.12 -31.17 -18.76
N ASN H 47 -6.85 -32.44 -19.06
CA ASN H 47 -5.50 -32.93 -19.28
C ASN H 47 -4.80 -32.18 -20.40
N THR H 48 -5.54 -31.89 -21.46
CA THR H 48 -5.00 -31.31 -22.69
C THR H 48 -4.80 -29.80 -22.58
N GLU H 49 -5.19 -29.19 -21.46
CA GLU H 49 -5.18 -27.74 -21.31
C GLU H 49 -4.39 -27.30 -20.09
N TYR H 50 -3.52 -28.16 -19.57
CA TYR H 50 -2.61 -27.84 -18.47
C TYR H 50 -1.19 -28.20 -18.91
N GLY H 51 -0.24 -27.33 -18.57
CA GLY H 51 1.10 -27.46 -19.10
C GLY H 51 2.19 -27.19 -18.08
N ILE H 52 3.25 -28.00 -18.15
CA ILE H 52 4.45 -27.83 -17.34
C ILE H 52 5.64 -27.82 -18.29
N ALA H 53 6.39 -26.72 -18.30
CA ALA H 53 7.58 -26.57 -19.14
C ALA H 53 7.24 -26.67 -20.62
N GLY H 54 6.14 -26.03 -21.02
CA GLY H 54 5.71 -26.00 -22.41
C GLY H 54 5.04 -27.25 -22.92
N LYS H 55 5.04 -28.33 -22.14
CA LYS H 55 4.44 -29.60 -22.54
C LYS H 55 3.16 -29.83 -21.76
N THR H 56 2.15 -30.38 -22.42
CA THR H 56 0.86 -30.59 -21.78
C THR H 56 0.96 -31.69 -20.74
N ALA H 57 0.13 -31.56 -19.69
CA ALA H 57 0.08 -32.58 -18.64
C ALA H 57 -0.14 -33.97 -19.21
N LYS H 58 -0.97 -34.06 -20.26
CA LYS H 58 -1.21 -35.35 -20.91
C LYS H 58 0.08 -35.94 -21.47
N SER H 59 0.91 -35.12 -22.13
CA SER H 59 2.16 -35.61 -22.66
C SER H 59 3.13 -36.03 -21.57
N LEU H 60 3.07 -35.37 -20.41
CA LEU H 60 3.93 -35.69 -19.28
C LEU H 60 3.45 -36.90 -18.49
N GLY H 61 2.39 -37.58 -18.94
CA GLY H 61 1.90 -38.75 -18.26
C GLY H 61 1.08 -38.49 -17.01
N ARG H 62 0.46 -37.32 -16.91
CA ARG H 62 -0.27 -36.93 -15.71
C ARG H 62 -1.74 -36.75 -16.06
N GLY H 63 -2.61 -37.40 -15.31
CA GLY H 63 -4.03 -37.06 -15.29
C GLY H 63 -4.88 -37.70 -16.36
N THR H 64 -6.13 -37.24 -16.38
CA THR H 64 -7.15 -37.64 -17.34
C THR H 64 -7.74 -36.41 -17.99
N GLY H 65 -8.45 -36.61 -19.10
CA GLY H 65 -9.19 -35.54 -19.74
C GLY H 65 -10.41 -35.15 -18.93
N PRO I 1 -23.14 -16.37 -5.17
CA PRO I 1 -22.13 -16.06 -6.19
C PRO I 1 -20.95 -15.30 -5.62
N ASN I 2 -19.79 -15.43 -6.27
CA ASN I 2 -18.58 -14.72 -5.87
C ASN I 2 -18.02 -13.99 -7.09
N ILE I 3 -17.69 -12.71 -6.91
CA ILE I 3 -17.32 -11.84 -8.03
C ILE I 3 -16.00 -11.17 -7.69
N GLU I 4 -14.99 -11.41 -8.53
CA GLU I 4 -13.71 -10.71 -8.46
C GLU I 4 -13.65 -9.72 -9.61
N MET I 5 -13.43 -8.44 -9.29
CA MET I 5 -13.32 -7.40 -10.30
C MET I 5 -11.90 -6.84 -10.32
N PHE I 6 -11.26 -6.89 -11.48
CA PHE I 6 -9.96 -6.30 -11.68
C PHE I 6 -10.11 -4.84 -12.07
N VAL I 7 -9.44 -3.96 -11.34
CA VAL I 7 -9.46 -2.54 -11.62
C VAL I 7 -8.03 -2.01 -11.55
N VAL I 8 -7.72 -1.04 -12.39
CA VAL I 8 -6.45 -0.33 -12.30
C VAL I 8 -6.54 0.66 -11.15
N GLU I 9 -5.38 0.99 -10.56
CA GLU I 9 -5.35 1.86 -9.40
C GLU I 9 -5.95 3.23 -9.73
N GLY I 10 -6.22 4.00 -8.67
CA GLY I 10 -6.65 5.37 -8.80
C GLY I 10 -8.06 5.65 -8.30
N LEU I 11 -8.90 4.62 -8.16
CA LEU I 11 -10.27 4.86 -7.76
C LEU I 11 -10.34 5.34 -6.33
N SER I 12 -11.16 6.36 -6.07
CA SER I 12 -11.39 6.79 -4.70
C SER I 12 -12.08 5.66 -3.92
N ASP I 13 -11.94 5.71 -2.60
CA ASP I 13 -12.73 4.81 -1.77
C ASP I 13 -14.21 4.95 -2.10
N GLN I 14 -14.69 6.20 -2.13
CA GLN I 14 -16.10 6.51 -2.35
C GLN I 14 -16.65 5.83 -3.61
N GLN I 15 -15.86 5.76 -4.69
CA GLN I 15 -16.28 5.03 -5.87
C GLN I 15 -16.25 3.53 -5.64
N LYS I 16 -15.18 3.03 -5.03
CA LYS I 16 -15.05 1.61 -4.73
C LYS I 16 -16.24 1.12 -3.92
N GLU I 17 -16.68 1.93 -2.95
CA GLU I 17 -17.80 1.54 -2.10
C GLU I 17 -19.03 1.25 -2.95
N LYS I 18 -19.37 2.15 -3.84
CA LYS I 18 -20.61 2.05 -4.59
C LYS I 18 -20.50 1.04 -5.73
N LEU I 19 -19.27 0.76 -6.16
CA LEU I 19 -19.02 -0.32 -7.13
C LEU I 19 -19.36 -1.67 -6.54
N ILE I 20 -18.92 -1.94 -5.31
CA ILE I 20 -19.27 -3.20 -4.66
C ILE I 20 -20.78 -3.26 -4.42
N ASP I 21 -21.39 -2.10 -4.16
CA ASP I 21 -22.84 -2.02 -4.03
C ASP I 21 -23.54 -2.31 -5.36
N ALA I 22 -23.15 -1.59 -6.42
CA ALA I 22 -23.85 -1.69 -7.70
C ALA I 22 -23.65 -3.06 -8.34
N LEU I 23 -22.46 -3.64 -8.21
CA LEU I 23 -22.25 -4.98 -8.73
C LEU I 23 -23.08 -6.01 -8.00
N THR I 24 -23.35 -5.78 -6.72
CA THR I 24 -24.08 -6.76 -5.93
C THR I 24 -25.57 -6.67 -6.22
N ALA I 25 -26.08 -5.44 -6.36
CA ALA I 25 -27.46 -5.24 -6.79
C ALA I 25 -27.70 -5.79 -8.19
N ALA I 26 -26.71 -5.64 -9.08
CA ALA I 26 -26.84 -6.19 -10.42
C ALA I 26 -26.99 -7.70 -10.38
N THR I 27 -26.27 -8.36 -9.46
CA THR I 27 -26.34 -9.81 -9.35
C THR I 27 -27.69 -10.25 -8.81
N VAL I 28 -28.19 -9.56 -7.78
CA VAL I 28 -29.48 -9.92 -7.18
C VAL I 28 -30.57 -9.93 -8.25
N GLU I 29 -30.72 -8.83 -8.97
CA GLU I 29 -31.81 -8.71 -9.93
C GLU I 29 -31.69 -9.73 -11.06
N ALA I 30 -30.46 -10.03 -11.49
CA ALA I 30 -30.26 -10.79 -12.72
C ALA I 30 -30.50 -12.28 -12.52
N ILE I 31 -29.82 -12.89 -11.55
CA ILE I 31 -29.92 -14.33 -11.29
C ILE I 31 -30.73 -14.63 -10.04
N ASP I 32 -31.35 -13.62 -9.43
CA ASP I 32 -32.25 -13.77 -8.29
C ASP I 32 -31.63 -14.67 -7.21
N ALA I 33 -30.50 -14.19 -6.69
CA ALA I 33 -29.73 -14.72 -5.60
C ALA I 33 -29.79 -13.78 -4.41
N PRO I 34 -29.92 -14.31 -3.20
CA PRO I 34 -29.99 -13.44 -2.01
C PRO I 34 -28.74 -12.59 -1.87
N ALA I 35 -28.93 -11.37 -1.35
CA ALA I 35 -27.80 -10.45 -1.17
C ALA I 35 -26.74 -11.06 -0.26
N ASP I 36 -27.17 -11.78 0.78
CA ASP I 36 -26.21 -12.30 1.76
C ASP I 36 -25.26 -13.33 1.17
N SER I 37 -25.58 -13.88 -0.01
CA SER I 37 -24.76 -14.91 -0.64
C SER I 37 -23.92 -14.37 -1.79
N ILE I 38 -23.61 -13.07 -1.81
CA ILE I 38 -22.91 -12.46 -2.92
C ILE I 38 -21.70 -11.74 -2.33
N ARG I 39 -20.53 -12.36 -2.41
CA ARG I 39 -19.29 -11.70 -2.03
C ARG I 39 -18.65 -11.11 -3.28
N VAL I 40 -18.18 -9.86 -3.17
CA VAL I 40 -17.64 -9.11 -4.29
C VAL I 40 -16.36 -8.44 -3.83
N TRP I 41 -15.24 -8.71 -4.50
CA TRP I 41 -13.97 -8.11 -4.12
C TRP I 41 -13.27 -7.53 -5.34
N LEU I 42 -12.68 -6.35 -5.15
CA LEU I 42 -11.91 -5.67 -6.19
C LEU I 42 -10.44 -6.03 -6.07
N SER I 43 -9.87 -6.52 -7.17
CA SER I 43 -8.44 -6.76 -7.27
C SER I 43 -7.80 -5.56 -7.95
N GLU I 44 -7.09 -4.74 -7.17
CA GLU I 44 -6.59 -3.47 -7.68
C GLU I 44 -5.18 -3.67 -8.22
N ILE I 45 -5.04 -3.55 -9.54
CA ILE I 45 -3.81 -3.88 -10.24
C ILE I 45 -3.11 -2.58 -10.62
N PRO I 46 -1.81 -2.44 -10.34
CA PRO I 46 -1.07 -1.22 -10.73
C PRO I 46 -1.07 -1.02 -12.24
N ALA I 47 -0.80 0.22 -12.64
CA ALA I 47 -0.82 0.58 -14.05
C ALA I 47 0.34 -0.07 -14.80
N LYS I 48 1.49 -0.23 -14.13
CA LYS I 48 2.60 -0.95 -14.74
C LYS I 48 2.25 -2.41 -15.01
N GLN I 49 1.13 -2.90 -14.48
CA GLN I 49 0.83 -4.33 -14.47
C GLN I 49 -0.48 -4.69 -15.15
N PHE I 50 -1.20 -3.73 -15.72
CA PHE I 50 -2.43 -3.97 -16.48
C PHE I 50 -2.15 -3.64 -17.92
N GLY I 51 -2.26 -4.68 -18.80
CA GLY I 51 -1.87 -4.54 -20.19
C GLY I 51 -3.07 -4.46 -21.11
N ILE I 52 -3.08 -3.41 -21.94
CA ILE I 52 -4.13 -3.20 -22.93
C ILE I 52 -3.49 -3.31 -24.31
N ALA I 53 -3.80 -4.41 -25.01
CA ALA I 53 -3.40 -4.60 -26.41
C ALA I 53 -1.88 -4.54 -26.59
N GLY I 54 -1.13 -4.94 -25.57
CA GLY I 54 0.31 -5.08 -25.68
C GLY I 54 1.12 -4.06 -24.91
N LYS I 55 0.48 -3.09 -24.28
CA LYS I 55 1.18 -2.07 -23.52
C LYS I 55 0.46 -1.83 -22.20
N SER I 56 1.24 -1.50 -21.19
CA SER I 56 0.65 -1.25 -19.87
C SER I 56 -0.13 0.06 -19.88
N VAL I 57 -1.01 0.20 -18.89
CA VAL I 57 -1.73 1.47 -18.72
C VAL I 57 -0.74 2.57 -18.35
N ALA I 58 0.32 2.23 -17.62
CA ALA I 58 1.36 3.21 -17.32
C ALA I 58 2.05 3.68 -18.60
N ALA I 59 2.27 2.76 -19.54
CA ALA I 59 2.99 3.11 -20.76
C ALA I 59 2.17 4.02 -21.67
N ILE I 60 0.84 3.97 -21.58
CA ILE I 60 0.01 4.77 -22.46
C ILE I 60 -0.26 6.15 -21.87
N GLU I 61 -0.36 6.24 -20.54
CA GLU I 61 -0.40 7.54 -19.88
C GLU I 61 0.93 8.28 -19.98
N ALA I 62 2.03 7.55 -20.17
CA ALA I 62 3.31 8.21 -20.42
C ALA I 62 3.32 8.84 -21.81
N ALA I 63 2.92 8.06 -22.83
CA ALA I 63 2.70 8.62 -24.16
C ALA I 63 1.55 9.61 -24.18
N ARG I 64 0.84 9.77 -23.06
CA ARG I 64 -0.37 10.57 -22.97
C ARG I 64 -1.36 10.22 -24.07
N PRO J 1 6.67 -19.49 -12.63
CA PRO J 1 5.48 -18.64 -12.57
C PRO J 1 4.23 -19.40 -13.02
N ASN J 2 3.05 -18.81 -12.82
CA ASN J 2 1.79 -19.44 -13.15
C ASN J 2 0.99 -18.56 -14.10
N ILE J 3 0.40 -19.17 -15.12
CA ILE J 3 -0.30 -18.45 -16.18
C ILE J 3 -1.67 -19.08 -16.40
N GLU J 4 -2.71 -18.27 -16.28
CA GLU J 4 -4.08 -18.66 -16.60
C GLU J 4 -4.58 -17.79 -17.74
N MET J 5 -4.88 -18.41 -18.89
CA MET J 5 -5.45 -17.71 -20.02
C MET J 5 -6.91 -18.13 -20.21
N PHE J 6 -7.81 -17.15 -20.14
CA PHE J 6 -9.21 -17.38 -20.46
C PHE J 6 -9.39 -17.39 -21.97
N VAL J 7 -9.89 -18.49 -22.50
CA VAL J 7 -10.10 -18.65 -23.93
C VAL J 7 -11.54 -19.06 -24.18
N VAL J 8 -12.09 -18.60 -25.27
CA VAL J 8 -13.42 -19.03 -25.68
C VAL J 8 -13.33 -20.40 -26.34
N GLU J 9 -14.36 -21.23 -26.13
CA GLU J 9 -14.45 -22.49 -26.87
C GLU J 9 -14.36 -22.38 -28.37
N GLY J 10 -14.08 -23.55 -28.97
CA GLY J 10 -13.76 -23.74 -30.36
C GLY J 10 -12.30 -24.08 -30.63
N LEU J 11 -11.42 -23.90 -29.66
CA LEU J 11 -10.00 -24.11 -29.88
C LEU J 11 -9.71 -25.61 -29.93
N SER J 12 -8.96 -26.03 -30.93
CA SER J 12 -8.58 -27.43 -31.06
C SER J 12 -7.52 -27.79 -30.03
N ASP J 13 -7.49 -29.07 -29.65
CA ASP J 13 -6.48 -29.55 -28.72
C ASP J 13 -5.08 -29.18 -29.20
N GLN J 14 -4.82 -29.39 -30.49
CA GLN J 14 -3.52 -29.08 -31.06
C GLN J 14 -3.19 -27.60 -30.90
N GLN J 15 -4.18 -26.73 -31.13
CA GLN J 15 -3.96 -25.29 -30.92
C GLN J 15 -3.64 -25.00 -29.46
N LYS J 16 -4.34 -25.65 -28.53
CA LYS J 16 -4.10 -25.43 -27.12
C LYS J 16 -2.69 -25.88 -26.73
N GLU J 17 -2.22 -26.97 -27.34
CA GLU J 17 -0.83 -27.38 -27.17
C GLU J 17 0.12 -26.27 -27.59
N LYS J 18 -0.16 -25.62 -28.73
CA LYS J 18 0.74 -24.61 -29.26
C LYS J 18 0.69 -23.32 -28.45
N LEU J 19 -0.48 -22.99 -27.88
CA LEU J 19 -0.59 -21.79 -27.06
C LEU J 19 0.12 -21.96 -25.72
N ILE J 20 0.04 -23.16 -25.15
CA ILE J 20 0.77 -23.44 -23.91
C ILE J 20 2.28 -23.31 -24.15
N ASP J 21 2.77 -23.90 -25.23
CA ASP J 21 4.20 -23.80 -25.54
C ASP J 21 4.60 -22.38 -25.88
N ALA J 22 3.71 -21.61 -26.49
CA ALA J 22 4.05 -20.24 -26.88
C ALA J 22 4.04 -19.30 -25.68
N LEU J 23 3.10 -19.49 -24.75
CA LEU J 23 3.07 -18.66 -23.55
C LEU J 23 4.29 -18.94 -22.67
N THR J 24 4.68 -20.21 -22.55
CA THR J 24 5.88 -20.55 -21.79
C THR J 24 7.11 -19.90 -22.39
N ALA J 25 7.30 -20.06 -23.71
CA ALA J 25 8.46 -19.46 -24.37
C ALA J 25 8.47 -17.95 -24.21
N ALA J 26 7.30 -17.32 -24.22
CA ALA J 26 7.22 -15.88 -24.04
C ALA J 26 7.72 -15.46 -22.66
N THR J 27 7.23 -16.16 -21.62
CA THR J 27 7.71 -15.88 -20.26
C THR J 27 9.19 -16.14 -20.13
N VAL J 28 9.68 -17.23 -20.72
CA VAL J 28 11.11 -17.56 -20.68
C VAL J 28 11.95 -16.40 -21.18
N GLU J 29 11.61 -15.87 -22.34
CA GLU J 29 12.44 -14.87 -22.98
C GLU J 29 12.20 -13.46 -22.43
N ALA J 30 11.08 -13.23 -21.75
CA ALA J 30 10.79 -11.89 -21.24
C ALA J 30 11.35 -11.67 -19.83
N ILE J 31 11.11 -12.61 -18.93
CA ILE J 31 11.51 -12.45 -17.54
C ILE J 31 12.64 -13.41 -17.16
N ASP J 32 13.20 -14.13 -18.14
CA ASP J 32 14.24 -15.14 -17.91
C ASP J 32 13.90 -16.04 -16.72
N ALA J 33 12.64 -16.49 -16.70
CA ALA J 33 12.24 -17.56 -15.78
C ALA J 33 12.35 -18.88 -16.52
N PRO J 34 13.03 -19.88 -15.97
CA PRO J 34 13.23 -21.13 -16.70
C PRO J 34 11.91 -21.78 -17.06
N ALA J 35 11.91 -22.46 -18.21
CA ALA J 35 10.70 -23.07 -18.71
C ALA J 35 10.14 -24.11 -17.73
N ASP J 36 10.98 -24.97 -17.12
CA ASP J 36 10.37 -25.93 -16.20
C ASP J 36 9.79 -25.30 -14.95
N SER J 37 9.92 -24.01 -14.74
CA SER J 37 9.33 -23.40 -13.56
C SER J 37 7.93 -22.82 -13.82
N ILE J 38 7.50 -22.81 -15.07
CA ILE J 38 6.32 -22.08 -15.50
C ILE J 38 5.18 -23.06 -15.74
N ARG J 39 3.99 -22.73 -15.24
CA ARG J 39 2.84 -23.60 -15.38
C ARG J 39 1.74 -22.84 -16.09
N VAL J 40 1.10 -23.48 -17.06
CA VAL J 40 0.05 -22.86 -17.86
C VAL J 40 -1.21 -23.70 -17.74
N TRP J 41 -2.34 -23.04 -17.51
CA TRP J 41 -3.63 -23.69 -17.65
C TRP J 41 -4.58 -22.76 -18.36
N LEU J 42 -5.32 -23.30 -19.32
CA LEU J 42 -6.34 -22.55 -20.04
C LEU J 42 -7.69 -22.80 -19.38
N SER J 43 -8.37 -21.72 -19.02
CA SER J 43 -9.74 -21.80 -18.52
C SER J 43 -10.69 -21.46 -19.67
N GLU J 44 -11.35 -22.48 -20.19
CA GLU J 44 -12.20 -22.33 -21.36
C GLU J 44 -13.54 -21.74 -20.94
N ILE J 45 -13.92 -20.62 -21.55
CA ILE J 45 -15.16 -19.93 -21.22
C ILE J 45 -16.10 -20.06 -22.41
N PRO J 46 -17.28 -20.65 -22.24
CA PRO J 46 -18.25 -20.70 -23.34
C PRO J 46 -18.58 -19.31 -23.88
N ALA J 47 -18.91 -19.26 -25.17
CA ALA J 47 -19.15 -17.99 -25.84
C ALA J 47 -20.28 -17.20 -25.18
N LYS J 48 -21.25 -17.90 -24.60
CA LYS J 48 -22.32 -17.21 -23.89
C LYS J 48 -21.87 -16.63 -22.55
N GLN J 49 -20.75 -17.09 -22.03
CA GLN J 49 -20.29 -16.68 -20.71
C GLN J 49 -19.07 -15.78 -20.80
N PHE J 50 -18.68 -15.39 -22.01
CA PHE J 50 -17.64 -14.39 -22.23
C PHE J 50 -18.32 -13.12 -22.73
N GLY J 51 -18.11 -12.02 -22.01
CA GLY J 51 -18.81 -10.79 -22.32
C GLY J 51 -17.92 -9.65 -22.76
N ILE J 52 -18.25 -9.03 -23.88
CA ILE J 52 -17.63 -7.79 -24.33
C ILE J 52 -18.71 -6.73 -24.43
N ALA J 53 -18.47 -5.59 -23.79
CA ALA J 53 -19.31 -4.39 -23.88
C ALA J 53 -20.72 -4.59 -23.34
N GLY J 54 -20.97 -5.69 -22.63
CA GLY J 54 -22.30 -5.98 -22.10
C GLY J 54 -23.04 -7.08 -22.82
N LYS J 55 -22.49 -7.61 -23.90
CA LYS J 55 -23.13 -8.64 -24.72
C LYS J 55 -22.14 -9.78 -24.90
N SER J 56 -22.67 -11.00 -24.99
CA SER J 56 -21.80 -12.17 -25.04
C SER J 56 -21.22 -12.36 -26.44
N VAL J 57 -20.11 -13.10 -26.49
CA VAL J 57 -19.50 -13.45 -27.79
C VAL J 57 -20.52 -14.17 -28.66
N ALA J 58 -21.28 -15.09 -28.07
CA ALA J 58 -22.26 -15.85 -28.82
C ALA J 58 -23.32 -14.94 -29.44
N ALA J 59 -23.70 -13.88 -28.73
CA ALA J 59 -24.67 -12.95 -29.29
C ALA J 59 -24.05 -12.09 -30.39
N ILE J 60 -22.75 -11.82 -30.28
CA ILE J 60 -22.07 -10.89 -31.18
C ILE J 60 -21.86 -11.51 -32.56
N GLU J 61 -21.42 -12.77 -32.60
CA GLU J 61 -21.31 -13.50 -33.87
C GLU J 61 -22.67 -13.84 -34.46
N ALA J 62 -23.74 -13.72 -33.68
CA ALA J 62 -25.09 -13.94 -34.19
C ALA J 62 -25.65 -12.73 -34.93
N ALA J 63 -25.00 -11.57 -34.81
CA ALA J 63 -25.48 -10.36 -35.48
C ALA J 63 -24.66 -10.07 -36.73
N PRO K 1 -1.86 -28.93 -6.39
CA PRO K 1 -0.93 -28.22 -7.26
C PRO K 1 -0.94 -26.68 -7.17
N ASN K 2 -2.05 -25.99 -7.44
CA ASN K 2 -2.05 -24.52 -7.39
C ASN K 2 -3.26 -24.02 -6.61
N ILE K 3 -3.02 -23.10 -5.68
CA ILE K 3 -4.06 -22.60 -4.78
C ILE K 3 -3.93 -21.09 -4.65
N GLU K 4 -5.04 -20.38 -4.85
CA GLU K 4 -5.16 -18.96 -4.55
C GLU K 4 -6.19 -18.78 -3.45
N MET K 5 -5.83 -18.04 -2.41
CA MET K 5 -6.73 -17.74 -1.30
C MET K 5 -6.85 -16.24 -1.14
N PHE K 6 -8.07 -15.73 -1.32
CA PHE K 6 -8.40 -14.33 -1.08
C PHE K 6 -8.67 -14.13 0.41
N VAL K 7 -7.91 -13.23 1.02
CA VAL K 7 -8.01 -12.97 2.45
C VAL K 7 -8.03 -11.47 2.67
N VAL K 8 -8.85 -11.02 3.62
CA VAL K 8 -8.87 -9.61 3.97
C VAL K 8 -7.58 -9.26 4.70
N GLU K 9 -7.04 -8.07 4.39
CA GLU K 9 -5.79 -7.62 4.98
C GLU K 9 -5.87 -7.58 6.50
N GLY K 10 -4.70 -7.49 7.15
CA GLY K 10 -4.60 -7.43 8.59
C GLY K 10 -3.89 -8.60 9.22
N LEU K 11 -3.78 -9.72 8.50
CA LEU K 11 -3.07 -10.87 9.03
C LEU K 11 -1.59 -10.54 9.22
N SER K 12 -0.97 -11.27 10.14
CA SER K 12 0.46 -11.12 10.39
C SER K 12 1.25 -11.99 9.43
N ASP K 13 2.55 -11.72 9.35
CA ASP K 13 3.40 -12.56 8.52
C ASP K 13 3.51 -13.98 9.10
N GLN K 14 3.32 -14.15 10.41
CA GLN K 14 3.46 -15.50 10.95
C GLN K 14 2.23 -16.33 10.62
N GLN K 15 1.05 -15.72 10.72
CA GLN K 15 -0.20 -16.38 10.35
C GLN K 15 -0.21 -16.75 8.89
N LYS K 16 0.42 -15.94 8.04
CA LYS K 16 0.48 -16.24 6.62
C LYS K 16 1.28 -17.51 6.35
N GLU K 17 2.42 -17.65 7.04
CA GLU K 17 3.22 -18.87 6.90
C GLU K 17 2.50 -20.07 7.52
N LYS K 18 1.84 -19.86 8.65
CA LYS K 18 1.01 -20.91 9.22
C LYS K 18 -0.08 -21.34 8.27
N LEU K 19 -0.69 -20.37 7.58
CA LEU K 19 -1.77 -20.66 6.64
C LEU K 19 -1.28 -21.42 5.41
N ILE K 20 -0.13 -21.03 4.86
CA ILE K 20 0.37 -21.69 3.65
C ILE K 20 0.65 -23.16 3.94
N ASP K 21 1.20 -23.46 5.12
CA ASP K 21 1.44 -24.85 5.49
C ASP K 21 0.14 -25.62 5.63
N ALA K 22 -0.86 -25.02 6.29
CA ALA K 22 -2.13 -25.70 6.50
C ALA K 22 -2.81 -26.03 5.19
N LEU K 23 -2.90 -25.04 4.30
CA LEU K 23 -3.49 -25.27 2.98
C LEU K 23 -2.76 -26.38 2.24
N THR K 24 -1.42 -26.38 2.32
CA THR K 24 -0.64 -27.44 1.69
C THR K 24 -0.93 -28.78 2.33
N ALA K 25 -0.86 -28.85 3.67
CA ALA K 25 -1.16 -30.09 4.38
C ALA K 25 -2.56 -30.60 4.02
N ALA K 26 -3.56 -29.72 4.12
CA ALA K 26 -4.92 -30.11 3.78
C ALA K 26 -5.01 -30.68 2.37
N THR K 27 -4.26 -30.10 1.43
CA THR K 27 -4.23 -30.65 0.08
C THR K 27 -3.54 -32.01 0.05
N VAL K 28 -2.38 -32.11 0.70
CA VAL K 28 -1.63 -33.38 0.71
C VAL K 28 -2.49 -34.52 1.22
N GLU K 29 -3.29 -34.25 2.26
CA GLU K 29 -4.06 -35.34 2.87
C GLU K 29 -5.29 -35.69 2.03
N ALA K 30 -5.95 -34.71 1.41
CA ALA K 30 -7.25 -34.98 0.80
C ALA K 30 -7.12 -35.63 -0.58
N ILE K 31 -6.20 -35.17 -1.41
CA ILE K 31 -6.07 -35.68 -2.77
C ILE K 31 -4.74 -36.39 -2.98
N ASP K 32 -4.01 -36.69 -1.90
CA ASP K 32 -2.69 -37.33 -1.96
C ASP K 32 -1.80 -36.71 -3.03
N ALA K 33 -1.59 -35.40 -2.92
CA ALA K 33 -0.70 -34.67 -3.81
C ALA K 33 0.56 -34.27 -3.04
N PRO K 34 1.74 -34.53 -3.59
CA PRO K 34 2.97 -34.17 -2.89
C PRO K 34 3.04 -32.68 -2.57
N ALA K 35 3.48 -32.37 -1.35
CA ALA K 35 3.45 -30.99 -0.88
C ALA K 35 4.28 -30.08 -1.76
N ASP K 36 5.46 -30.53 -2.19
CA ASP K 36 6.29 -29.68 -3.02
C ASP K 36 5.76 -29.54 -4.45
N SER K 37 4.76 -30.33 -4.83
CA SER K 37 4.04 -30.07 -6.05
C SER K 37 3.01 -28.95 -5.90
N ILE K 38 2.69 -28.56 -4.67
CA ILE K 38 1.63 -27.58 -4.40
C ILE K 38 2.25 -26.19 -4.29
N ARG K 39 1.73 -25.26 -5.08
CA ARG K 39 2.01 -23.84 -4.95
C ARG K 39 0.79 -23.17 -4.34
N VAL K 40 1.02 -22.28 -3.38
CA VAL K 40 -0.03 -21.49 -2.76
C VAL K 40 0.36 -20.02 -2.86
N TRP K 41 -0.63 -19.16 -3.09
CA TRP K 41 -0.43 -17.74 -2.88
C TRP K 41 -1.66 -17.16 -2.21
N LEU K 42 -1.43 -16.19 -1.34
CA LEU K 42 -2.50 -15.42 -0.73
C LEU K 42 -2.64 -14.11 -1.50
N SER K 43 -3.84 -13.86 -2.00
CA SER K 43 -4.17 -12.59 -2.65
C SER K 43 -4.94 -11.75 -1.65
N GLU K 44 -4.27 -10.74 -1.08
CA GLU K 44 -4.76 -10.01 0.07
C GLU K 44 -5.51 -8.77 -0.40
N ILE K 45 -6.75 -8.61 0.08
CA ILE K 45 -7.63 -7.52 -0.33
C ILE K 45 -7.75 -6.54 0.85
N PRO K 46 -7.56 -5.25 0.63
CA PRO K 46 -7.90 -4.26 1.67
C PRO K 46 -9.35 -4.40 2.10
N ALA K 47 -9.61 -4.06 3.37
CA ALA K 47 -10.91 -4.33 3.97
C ALA K 47 -12.05 -3.55 3.32
N LYS K 48 -11.77 -2.39 2.71
CA LYS K 48 -12.80 -1.66 1.96
C LYS K 48 -13.04 -2.19 0.55
N GLN K 49 -12.22 -3.11 0.07
CA GLN K 49 -12.37 -3.61 -1.28
C GLN K 49 -12.97 -5.00 -1.31
N PHE K 50 -13.25 -5.56 -0.13
CA PHE K 50 -13.90 -6.86 0.01
C PHE K 50 -15.29 -6.63 0.57
N GLY K 51 -16.31 -7.11 -0.15
CA GLY K 51 -17.67 -6.78 0.19
C GLY K 51 -18.58 -7.98 0.41
N ILE K 52 -19.34 -7.96 1.49
CA ILE K 52 -20.30 -9.02 1.79
C ILE K 52 -21.68 -8.40 1.74
N ALA K 53 -22.52 -8.89 0.82
CA ALA K 53 -23.91 -8.43 0.66
C ALA K 53 -24.00 -6.95 0.34
N GLY K 54 -22.98 -6.40 -0.32
CA GLY K 54 -23.01 -5.03 -0.78
C GLY K 54 -22.23 -4.04 0.05
N LYS K 55 -21.68 -4.46 1.20
CA LYS K 55 -20.90 -3.53 1.98
C LYS K 55 -19.53 -4.13 2.28
N SER K 56 -18.57 -3.26 2.54
CA SER K 56 -17.22 -3.70 2.80
C SER K 56 -17.09 -4.21 4.24
N VAL K 57 -16.03 -4.98 4.47
CA VAL K 57 -15.76 -5.52 5.80
C VAL K 57 -15.49 -4.40 6.82
N ALA K 58 -15.10 -3.21 6.34
CA ALA K 58 -14.80 -2.10 7.24
C ALA K 58 -15.94 -1.84 8.22
N ALA K 59 -17.14 -1.61 7.69
CA ALA K 59 -18.33 -1.37 8.51
C ALA K 59 -19.20 -2.62 8.49
N ILE K 60 -19.12 -3.40 9.56
CA ILE K 60 -19.86 -4.66 9.75
C ILE K 60 -20.10 -5.42 8.45
N SER L 1 -9.21 -12.05 -25.44
CA SER L 1 -8.89 -13.05 -24.43
C SER L 1 -7.94 -12.48 -23.39
N ILE L 2 -8.10 -12.91 -22.13
CA ILE L 2 -7.39 -12.32 -21.00
C ILE L 2 -6.33 -13.31 -20.51
N ILE L 3 -5.13 -12.80 -20.23
CA ILE L 3 -4.06 -13.59 -19.64
C ILE L 3 -3.82 -13.09 -18.22
N GLN L 4 -3.88 -14.00 -17.26
CA GLN L 4 -3.50 -13.74 -15.88
C GLN L 4 -2.21 -14.47 -15.57
N VAL L 5 -1.26 -13.77 -14.96
CA VAL L 5 0.00 -14.35 -14.52
C VAL L 5 0.10 -14.17 -13.01
N PHE L 6 0.42 -15.25 -12.30
CA PHE L 6 0.72 -15.22 -10.87
C PHE L 6 2.21 -15.52 -10.70
N PHE L 7 2.98 -14.52 -10.28
CA PHE L 7 4.42 -14.69 -10.12
C PHE L 7 4.89 -14.03 -8.84
N ILE L 8 6.03 -14.51 -8.33
CA ILE L 8 6.62 -13.95 -7.12
C ILE L 8 7.16 -12.56 -7.41
N ALA L 9 6.93 -11.62 -6.50
CA ALA L 9 7.31 -10.24 -6.69
C ALA L 9 8.83 -10.09 -6.72
N GLY L 10 9.28 -8.96 -7.27
CA GLY L 10 10.69 -8.66 -7.44
C GLY L 10 11.09 -8.37 -8.87
N ARG L 11 10.28 -8.75 -9.84
CA ARG L 11 10.59 -8.53 -11.24
C ARG L 11 10.62 -7.05 -11.58
N THR L 12 11.45 -6.69 -12.55
CA THR L 12 11.65 -5.28 -12.89
C THR L 12 10.42 -4.74 -13.60
N ASP L 13 10.10 -3.46 -13.33
CA ASP L 13 9.09 -2.75 -14.13
C ASP L 13 9.39 -2.89 -15.61
N GLU L 14 10.67 -2.92 -15.98
CA GLU L 14 11.10 -3.31 -17.31
C GLU L 14 10.50 -4.66 -17.72
N GLN L 15 10.77 -5.71 -16.93
CA GLN L 15 10.44 -7.07 -17.32
C GLN L 15 8.94 -7.27 -17.45
N LYS L 16 8.16 -6.61 -16.60
CA LYS L 16 6.72 -6.77 -16.66
C LYS L 16 6.10 -6.00 -17.82
N GLU L 17 6.81 -5.00 -18.36
CA GLU L 17 6.39 -4.44 -19.64
C GLU L 17 6.65 -5.43 -20.78
N ARG L 18 7.80 -6.10 -20.75
CA ARG L 18 8.10 -7.07 -21.79
C ARG L 18 7.21 -8.31 -21.70
N LEU L 19 6.78 -8.67 -20.49
CA LEU L 19 5.85 -9.78 -20.33
C LEU L 19 4.48 -9.43 -20.88
N ILE L 20 3.97 -8.24 -20.53
CA ILE L 20 2.72 -7.75 -21.12
C ILE L 20 2.82 -7.76 -22.64
N GLY L 21 3.98 -7.42 -23.18
CA GLY L 21 4.20 -7.41 -24.61
C GLY L 21 4.37 -8.80 -25.22
N ALA L 22 5.11 -9.68 -24.54
CA ALA L 22 5.42 -10.98 -25.14
C ALA L 22 4.27 -11.97 -25.02
N LEU L 23 3.48 -11.89 -23.96
CA LEU L 23 2.29 -12.73 -23.88
C LEU L 23 1.27 -12.34 -24.93
N THR L 24 1.09 -11.03 -25.13
CA THR L 24 0.17 -10.55 -26.17
C THR L 24 0.64 -10.98 -27.56
N ASP L 25 1.95 -11.00 -27.78
CA ASP L 25 2.47 -11.37 -29.10
C ASP L 25 2.28 -12.85 -29.37
N ALA L 26 2.61 -13.71 -28.40
CA ALA L 26 2.40 -15.14 -28.60
C ALA L 26 0.93 -15.46 -28.79
N ALA L 27 0.06 -14.81 -28.01
CA ALA L 27 -1.37 -15.06 -28.13
C ALA L 27 -1.87 -14.78 -29.55
N VAL L 28 -1.33 -13.76 -30.21
CA VAL L 28 -1.87 -13.40 -31.51
C VAL L 28 -1.34 -14.33 -32.61
N LYS L 29 -0.03 -14.62 -32.62
CA LYS L 29 0.50 -15.44 -33.72
C LYS L 29 -0.05 -16.86 -33.64
N THR L 30 -0.40 -17.34 -32.44
CA THR L 30 -0.65 -18.77 -32.27
C THR L 30 -2.11 -19.16 -32.50
N ILE L 31 -3.05 -18.33 -32.05
CA ILE L 31 -4.47 -18.65 -32.15
C ILE L 31 -5.24 -17.63 -32.97
N GLY L 32 -4.57 -16.64 -33.56
CA GLY L 32 -5.19 -15.69 -34.46
C GLY L 32 -6.06 -14.64 -33.82
N ILE L 33 -6.11 -14.57 -32.49
CA ILE L 33 -6.97 -13.60 -31.85
C ILE L 33 -6.47 -12.18 -32.12
N ASP L 34 -7.36 -11.23 -31.91
CA ASP L 34 -7.10 -9.86 -32.31
C ASP L 34 -6.28 -9.15 -31.24
N ARG L 35 -5.21 -8.47 -31.69
CA ARG L 35 -4.34 -7.77 -30.74
C ARG L 35 -5.12 -6.89 -29.76
N SER L 36 -6.03 -6.06 -30.27
CA SER L 36 -6.71 -5.11 -29.40
C SER L 36 -7.64 -5.77 -28.39
N ASP L 37 -7.90 -7.07 -28.52
CA ASP L 37 -8.78 -7.78 -27.59
C ASP L 37 -8.03 -8.47 -26.47
N VAL L 38 -6.70 -8.40 -26.45
CA VAL L 38 -5.90 -9.09 -25.44
C VAL L 38 -5.67 -8.20 -24.24
N ARG L 39 -6.00 -8.71 -23.06
CA ARG L 39 -5.72 -8.06 -21.79
C ARG L 39 -4.74 -8.93 -21.01
N VAL L 40 -3.75 -8.30 -20.37
CA VAL L 40 -2.80 -8.99 -19.53
C VAL L 40 -2.92 -8.46 -18.10
N ILE L 41 -2.97 -9.37 -17.14
CA ILE L 41 -3.04 -9.06 -15.72
C ILE L 41 -1.86 -9.70 -15.01
N LEU L 42 -1.20 -8.93 -14.13
CA LEU L 42 0.02 -9.36 -13.45
C LEU L 42 -0.13 -9.06 -11.96
N LYS L 43 -0.26 -10.10 -11.15
CA LYS L 43 -0.35 -9.97 -9.69
C LYS L 43 1.01 -10.29 -9.07
N ASP L 44 1.69 -9.25 -8.58
CA ASP L 44 2.87 -9.44 -7.74
C ASP L 44 2.47 -10.09 -6.42
N ILE L 45 2.87 -11.33 -6.13
CA ILE L 45 2.69 -11.90 -4.81
C ILE L 45 3.99 -11.68 -4.02
N PRO L 46 3.94 -11.05 -2.85
CA PRO L 46 5.16 -10.91 -2.05
C PRO L 46 5.71 -12.24 -1.58
N ASN L 47 7.01 -12.22 -1.26
CA ASN L 47 7.77 -13.31 -0.65
C ASN L 47 6.99 -14.05 0.44
N THR L 48 6.40 -13.27 1.36
CA THR L 48 5.79 -13.79 2.57
C THR L 48 4.45 -14.49 2.31
N GLU L 49 3.89 -14.34 1.10
CA GLU L 49 2.55 -14.78 0.80
C GLU L 49 2.51 -15.79 -0.33
N TYR L 50 3.66 -16.14 -0.89
CA TYR L 50 3.79 -17.16 -1.92
C TYR L 50 4.44 -18.39 -1.31
N GLY L 51 3.85 -19.55 -1.56
CA GLY L 51 4.32 -20.78 -0.94
C GLY L 51 4.60 -21.88 -1.92
N ILE L 52 5.70 -22.60 -1.68
CA ILE L 52 5.98 -23.89 -2.30
C ILE L 52 6.30 -24.85 -1.17
N ALA L 53 5.81 -26.09 -1.29
CA ALA L 53 6.18 -27.17 -0.38
C ALA L 53 5.90 -26.82 1.08
N GLY L 54 4.87 -26.01 1.32
CA GLY L 54 4.51 -25.59 2.67
C GLY L 54 5.33 -24.44 3.22
N LYS L 55 6.43 -24.07 2.57
CA LYS L 55 7.26 -22.97 3.01
C LYS L 55 7.06 -21.76 2.11
N THR L 56 7.26 -20.57 2.69
CA THR L 56 7.12 -19.35 1.93
C THR L 56 8.29 -19.19 0.96
N ALA L 57 8.14 -18.25 0.03
CA ALA L 57 9.20 -18.02 -0.96
C ALA L 57 10.42 -17.37 -0.33
N LYS L 58 10.23 -16.57 0.72
CA LYS L 58 11.36 -15.93 1.40
C LYS L 58 12.23 -16.97 2.08
N SER L 59 11.61 -17.94 2.77
CA SER L 59 12.35 -19.00 3.44
C SER L 59 13.18 -19.80 2.47
N LEU L 60 12.80 -19.84 1.20
CA LEU L 60 13.47 -20.66 0.20
C LEU L 60 14.56 -19.91 -0.56
N GLY L 61 14.65 -18.60 -0.41
CA GLY L 61 15.65 -17.81 -1.12
C GLY L 61 15.14 -17.09 -2.35
N ARG L 62 13.90 -17.35 -2.77
CA ARG L 62 13.29 -16.59 -3.86
C ARG L 62 12.88 -15.23 -3.36
N GLY L 63 12.74 -14.28 -4.30
CA GLY L 63 12.52 -12.90 -3.91
C GLY L 63 13.71 -12.26 -3.21
N THR L 64 14.82 -12.99 -3.11
CA THR L 64 16.05 -12.52 -2.49
C THR L 64 17.24 -13.27 -3.08
#